data_8QL0
#
_entry.id   8QL0
#
_cell.length_a   127.323
_cell.length_b   54.318
_cell.length_c   106.785
_cell.angle_alpha   90.00
_cell.angle_beta   108.61
_cell.angle_gamma   90.00
#
_symmetry.space_group_name_H-M   'C 1 2 1'
#
loop_
_entity.id
_entity.type
_entity.pdbx_description
1 polymer 'Protein-arginine deiminase type-6'
2 non-polymer DI(HYDROXYETHYL)ETHER
3 non-polymer GLYCEROL
4 non-polymer 'PENTAETHYLENE GLYCOL'
5 non-polymer 'CHLORIDE ION'
6 water water
#
_entity_poly.entity_id   1
_entity_poly.type   'polypeptide(L)'
_entity_poly.pdbx_seq_one_letter_code
;VSVEGRAMEFQSIIHLSLDSPVHAVCVLGTEICLDLSGCAPQKCQCFTIHGSGRVLIDVANTVISEKEDATIWWPLSDPT
YATVKMTSPSPSVDADKVSVTYYGPNEDAPVGTAVLYLTGIEVSLEVDIYRNGQVEMSSDKQAKKKWIWGPSGWGAILLV
NCNPADVGQQLEDKKTKKVIFSEEITNLSQMTLNVQGPSCILKKYRLVLHTSKEESKKARVYWPQKDNSSTFELVLGPDQ
HAYTLALLGNHLKETFYVEAIAFPSAEFSGLISYSVSLVEESQDPSIPETVLYKDTVVFRVAPCVFIPCTQVPLEVYLCR
ELQLQGFVDTVTKLSEKSNSQVASVYEDPNRLGRWLQDEMAFCYTQAPHKTTSLILDTPQAADLDEFPMKYSLSPGIGYM
IQDTEDHKVASMDSIGNLMVSPPVKVQGKEYPLGRVLIGSSFYPEAEGRAMSKTLRDFLYAQQVQAPVELYSDWLMTGHV
DEFMCFIPTDDKNEGKKGFLLLLASPSACYKLFREKQKEGYGDALLFDELRADQLLSNGREAKTIDQLLADESLKKQNEY
VEKCIHLNRDILKTELGLVEQDIIEIPQLFCLEKLTNIPSDQQPKRSFARPYFPDLLRMIVMGKNLGIPKPFGPQIKGTC
CLEEKICCLLEPLGFKCTFINDFDCYLTEVGDICACANIRRVPFAFKWWKMVP
;
_entity_poly.pdbx_strand_id   A
#
loop_
_chem_comp.id
_chem_comp.type
_chem_comp.name
_chem_comp.formula
1PE non-polymer 'PENTAETHYLENE GLYCOL' 'C10 H22 O6'
CL non-polymer 'CHLORIDE ION' 'Cl -1'
GOL non-polymer GLYCEROL 'C3 H8 O3'
PEG non-polymer DI(HYDROXYETHYL)ETHER 'C4 H10 O3'
#
# COMPACT_ATOMS: atom_id res chain seq x y z
N ALA A 7 -47.41 20.07 -18.47
CA ALA A 7 -45.95 20.23 -18.38
C ALA A 7 -45.18 18.91 -18.45
N MET A 8 -43.95 18.93 -18.99
CA MET A 8 -43.06 17.77 -19.11
C MET A 8 -41.75 18.09 -18.34
N GLU A 9 -41.24 17.16 -17.50
CA GLU A 9 -40.08 17.49 -16.65
C GLU A 9 -39.12 16.35 -16.23
N PHE A 10 -37.93 16.72 -15.74
CA PHE A 10 -36.87 15.87 -15.23
C PHE A 10 -36.12 16.76 -14.18
N GLN A 11 -36.67 16.94 -12.94
CA GLN A 11 -36.09 17.85 -11.92
C GLN A 11 -36.46 17.50 -10.45
N SER A 12 -35.77 18.10 -9.44
CA SER A 12 -36.06 17.79 -8.02
C SER A 12 -37.18 18.58 -7.39
N ILE A 13 -37.79 19.50 -8.12
CA ILE A 13 -38.88 20.32 -7.60
C ILE A 13 -39.97 20.37 -8.67
N ILE A 14 -41.23 20.14 -8.29
CA ILE A 14 -42.34 20.23 -9.24
C ILE A 14 -43.41 21.07 -8.61
N HIS A 15 -43.84 22.12 -9.32
CA HIS A 15 -44.90 22.98 -8.87
C HIS A 15 -46.19 22.44 -9.49
N LEU A 16 -47.07 21.83 -8.67
CA LEU A 16 -48.31 21.26 -9.18
C LEU A 16 -49.21 22.36 -9.71
N SER A 17 -50.10 22.00 -10.63
CA SER A 17 -50.99 22.99 -11.25
C SER A 17 -52.38 22.40 -11.27
N LEU A 18 -53.39 23.10 -10.65
CA LEU A 18 -54.80 22.67 -10.62
C LEU A 18 -55.30 22.37 -12.05
N ASP A 19 -54.81 23.19 -13.01
CA ASP A 19 -55.17 23.07 -14.39
C ASP A 19 -54.46 21.88 -15.06
N SER A 20 -53.19 22.03 -15.49
CA SER A 20 -52.52 20.96 -16.22
C SER A 20 -51.71 19.99 -15.34
N PRO A 21 -52.04 18.68 -15.38
CA PRO A 21 -51.22 17.70 -14.66
C PRO A 21 -49.78 17.69 -15.18
N VAL A 22 -48.82 17.36 -14.30
CA VAL A 22 -47.42 17.33 -14.72
C VAL A 22 -47.04 15.89 -15.13
N HIS A 23 -46.22 15.74 -16.18
CA HIS A 23 -45.72 14.42 -16.58
C HIS A 23 -44.21 14.51 -16.28
N ALA A 24 -43.70 13.71 -15.34
CA ALA A 24 -42.28 13.80 -14.95
C ALA A 24 -41.58 12.47 -14.90
N VAL A 25 -40.22 12.49 -15.05
CA VAL A 25 -39.31 11.36 -14.94
C VAL A 25 -38.70 11.37 -13.56
N CYS A 26 -38.66 10.20 -12.94
CA CYS A 26 -38.09 10.04 -11.61
C CYS A 26 -36.97 9.03 -11.68
N VAL A 27 -35.70 9.45 -11.50
CA VAL A 27 -34.62 8.46 -11.46
C VAL A 27 -34.74 7.76 -10.09
N LEU A 28 -34.73 6.42 -10.09
CA LEU A 28 -34.78 5.61 -8.89
C LEU A 28 -33.61 5.93 -7.98
N GLY A 29 -33.88 6.07 -6.70
CA GLY A 29 -32.84 6.41 -5.74
C GLY A 29 -32.80 7.88 -5.41
N THR A 30 -33.55 8.71 -6.18
CA THR A 30 -33.64 10.16 -5.98
C THR A 30 -35.03 10.54 -5.43
N GLU A 31 -35.19 11.78 -4.95
CA GLU A 31 -36.46 12.27 -4.40
C GLU A 31 -36.87 13.55 -5.09
N ILE A 32 -38.17 13.69 -5.35
CA ILE A 32 -38.73 14.89 -5.95
C ILE A 32 -39.54 15.66 -4.92
N CYS A 33 -39.33 16.96 -4.78
CA CYS A 33 -40.12 17.79 -3.89
C CYS A 33 -41.35 18.36 -4.65
N LEU A 34 -42.54 18.17 -4.09
CA LEU A 34 -43.79 18.59 -4.72
C LEU A 34 -44.35 19.77 -4.03
N ASP A 35 -44.45 20.90 -4.73
CA ASP A 35 -45.06 22.07 -4.17
C ASP A 35 -46.57 21.89 -4.30
N LEU A 36 -47.23 21.67 -3.18
CA LEU A 36 -48.67 21.45 -3.14
C LEU A 36 -49.45 22.74 -2.91
N SER A 37 -48.86 23.73 -2.23
CA SER A 37 -49.59 24.94 -1.87
C SER A 37 -49.62 26.08 -2.89
N GLY A 38 -48.64 26.14 -3.80
CA GLY A 38 -48.57 27.20 -4.80
C GLY A 38 -49.78 27.27 -5.71
N CYS A 39 -50.35 26.11 -6.05
CA CYS A 39 -51.55 26.06 -6.88
C CYS A 39 -52.85 25.97 -6.07
N ALA A 40 -52.79 25.81 -4.74
CA ALA A 40 -53.97 25.65 -3.91
C ALA A 40 -54.94 26.83 -3.98
N PRO A 41 -56.25 26.54 -4.08
CA PRO A 41 -57.24 27.65 -4.09
C PRO A 41 -57.24 28.42 -2.78
N GLN A 42 -57.67 29.69 -2.81
CA GLN A 42 -57.70 30.49 -1.59
C GLN A 42 -58.66 29.94 -0.53
N LYS A 43 -59.76 29.30 -0.95
CA LYS A 43 -60.72 28.71 0.00
C LYS A 43 -60.26 27.37 0.60
N CYS A 44 -59.15 26.78 0.11
CA CYS A 44 -58.64 25.49 0.58
C CYS A 44 -58.01 25.62 1.97
N GLN A 45 -58.37 24.72 2.88
CA GLN A 45 -57.85 24.72 4.25
C GLN A 45 -57.07 23.44 4.58
N CYS A 46 -57.40 22.33 3.91
CA CYS A 46 -56.70 21.06 4.11
C CYS A 46 -56.67 20.21 2.81
N PHE A 47 -55.89 19.11 2.78
CA PHE A 47 -55.80 18.29 1.57
C PHE A 47 -55.52 16.81 1.90
N THR A 48 -55.77 15.93 0.93
CA THR A 48 -55.40 14.51 0.98
C THR A 48 -54.53 14.22 -0.25
N ILE A 49 -53.61 13.28 -0.12
CA ILE A 49 -52.73 12.90 -1.22
C ILE A 49 -52.67 11.37 -1.34
N HIS A 50 -52.72 10.85 -2.57
CA HIS A 50 -52.62 9.40 -2.78
C HIS A 50 -51.71 9.04 -3.98
N GLY A 51 -50.89 8.02 -3.79
CA GLY A 51 -49.99 7.55 -4.83
C GLY A 51 -50.24 6.09 -5.22
N SER A 52 -49.73 5.68 -6.39
CA SER A 52 -49.83 4.29 -6.82
C SER A 52 -48.69 3.41 -6.23
N GLY A 53 -48.73 2.09 -6.48
CA GLY A 53 -47.80 1.08 -5.98
C GLY A 53 -46.30 1.32 -6.00
N ARG A 54 -45.78 1.97 -7.06
CA ARG A 54 -44.34 2.24 -7.14
C ARG A 54 -43.90 3.54 -6.49
N VAL A 55 -44.84 4.35 -5.99
CA VAL A 55 -44.53 5.66 -5.42
C VAL A 55 -44.49 5.63 -3.90
N LEU A 56 -43.47 6.24 -3.31
CA LEU A 56 -43.37 6.42 -1.86
C LEU A 56 -43.52 7.90 -1.54
N ILE A 57 -44.60 8.29 -0.89
CA ILE A 57 -44.86 9.68 -0.55
C ILE A 57 -44.54 9.99 0.90
N ASP A 58 -43.81 11.08 1.14
CA ASP A 58 -43.47 11.50 2.49
C ASP A 58 -44.02 12.91 2.77
N VAL A 59 -44.86 13.03 3.79
CA VAL A 59 -45.43 14.30 4.19
C VAL A 59 -44.85 14.62 5.57
N ALA A 60 -43.69 15.32 5.58
CA ALA A 60 -42.92 15.68 6.78
C ALA A 60 -42.60 14.46 7.67
N ASN A 61 -42.49 13.28 7.04
CA ASN A 61 -42.21 11.98 7.64
C ASN A 61 -43.20 11.59 8.73
N ILE A 72 -55.88 9.81 4.46
CA ILE A 72 -55.49 10.69 5.55
C ILE A 72 -55.32 12.13 5.07
N TRP A 73 -55.72 13.08 5.90
CA TRP A 73 -55.67 14.51 5.56
C TRP A 73 -54.47 15.21 6.21
N TRP A 74 -54.20 16.44 5.75
CA TRP A 74 -53.12 17.26 6.29
C TRP A 74 -53.53 18.72 6.21
N PRO A 75 -53.12 19.53 7.20
CA PRO A 75 -53.46 20.97 7.13
C PRO A 75 -52.66 21.64 6.00
N LEU A 76 -53.26 22.62 5.33
CA LEU A 76 -52.58 23.30 4.23
C LEU A 76 -51.78 24.49 4.75
N SER A 77 -50.50 24.28 5.08
CA SER A 77 -49.64 25.36 5.58
C SER A 77 -49.21 26.30 4.43
N ASP A 78 -48.65 27.52 4.75
CA ASP A 78 -48.20 28.50 3.73
C ASP A 78 -47.30 27.81 2.71
N PRO A 79 -46.12 27.28 3.06
CA PRO A 79 -45.45 26.36 2.14
C PRO A 79 -45.96 24.95 2.51
N THR A 80 -46.35 24.14 1.53
CA THR A 80 -46.72 22.75 1.78
C THR A 80 -46.05 21.94 0.73
N TYR A 81 -45.04 21.15 1.15
CA TYR A 81 -44.28 20.29 0.27
C TYR A 81 -44.49 18.83 0.66
N ALA A 82 -44.47 17.95 -0.32
CA ALA A 82 -44.49 16.50 -0.12
C ALA A 82 -43.32 15.97 -0.92
N THR A 83 -42.60 14.95 -0.43
CA THR A 83 -41.50 14.38 -1.21
C THR A 83 -41.97 13.08 -1.79
N VAL A 84 -41.59 12.79 -3.05
CA VAL A 84 -41.94 11.51 -3.65
C VAL A 84 -40.68 10.82 -4.19
N LYS A 85 -40.72 9.51 -4.19
CA LYS A 85 -39.66 8.68 -4.75
C LYS A 85 -40.28 7.42 -5.37
N MET A 86 -39.52 6.73 -6.22
CA MET A 86 -40.02 5.51 -6.85
C MET A 86 -39.21 4.30 -6.47
N THR A 87 -39.89 3.17 -6.29
CA THR A 87 -39.26 1.94 -5.79
C THR A 87 -38.80 0.98 -6.88
N SER A 88 -39.43 1.05 -8.06
CA SER A 88 -39.05 0.18 -9.17
C SER A 88 -39.27 0.91 -10.49
N PRO A 89 -38.60 0.50 -11.58
CA PRO A 89 -38.79 1.22 -12.85
C PRO A 89 -40.19 1.01 -13.42
N SER A 90 -40.68 2.01 -14.14
CA SER A 90 -42.01 1.94 -14.77
C SER A 90 -41.95 1.03 -15.98
N PRO A 91 -42.93 0.13 -16.15
CA PRO A 91 -42.96 -0.69 -17.37
C PRO A 91 -43.47 0.07 -18.60
N SER A 92 -44.10 1.25 -18.42
CA SER A 92 -44.56 2.11 -19.50
C SER A 92 -44.60 3.60 -19.00
N VAL A 93 -44.80 4.55 -19.92
CA VAL A 93 -44.88 5.97 -19.62
C VAL A 93 -46.14 6.33 -18.84
N ASP A 94 -46.02 7.15 -17.79
CA ASP A 94 -47.14 7.60 -16.97
C ASP A 94 -47.88 6.46 -16.27
N ALA A 95 -47.20 5.34 -16.02
CA ALA A 95 -47.85 4.20 -15.36
C ALA A 95 -48.04 4.40 -13.83
N ASP A 96 -47.51 5.49 -13.29
CA ASP A 96 -47.66 5.83 -11.89
C ASP A 96 -48.27 7.21 -11.76
N LYS A 97 -48.92 7.44 -10.63
CA LYS A 97 -49.61 8.69 -10.42
C LYS A 97 -49.66 9.15 -8.96
N VAL A 98 -49.69 10.47 -8.77
CA VAL A 98 -49.85 11.09 -7.48
C VAL A 98 -51.02 12.07 -7.63
N SER A 99 -52.03 11.98 -6.75
CA SER A 99 -53.17 12.89 -6.82
C SER A 99 -53.35 13.67 -5.54
N VAL A 100 -53.52 14.97 -5.67
CA VAL A 100 -53.74 15.85 -4.54
C VAL A 100 -55.16 16.37 -4.62
N THR A 101 -55.94 16.15 -3.56
CA THR A 101 -57.32 16.62 -3.52
C THR A 101 -57.46 17.71 -2.47
N TYR A 102 -57.82 18.91 -2.90
CA TYR A 102 -57.96 20.10 -2.06
C TYR A 102 -59.35 20.25 -1.40
N TYR A 103 -59.37 20.31 -0.07
CA TYR A 103 -60.61 20.47 0.70
C TYR A 103 -60.69 21.84 1.39
N GLY A 104 -61.85 22.50 1.26
CA GLY A 104 -62.05 23.81 1.86
C GLY A 104 -63.11 23.80 2.94
N PRO A 105 -63.98 24.83 2.92
CA PRO A 105 -65.04 24.91 3.94
C PRO A 105 -66.37 24.30 3.46
N VAL A 111 -62.80 21.33 -3.85
CA VAL A 111 -62.58 22.64 -4.47
C VAL A 111 -61.50 22.62 -5.58
N GLY A 112 -60.68 21.57 -5.61
CA GLY A 112 -59.64 21.44 -6.63
C GLY A 112 -58.86 20.15 -6.59
N THR A 113 -58.24 19.80 -7.71
CA THR A 113 -57.38 18.62 -7.80
C THR A 113 -56.12 18.96 -8.56
N ALA A 114 -55.02 18.33 -8.16
CA ALA A 114 -53.75 18.50 -8.87
C ALA A 114 -53.16 17.10 -9.10
N VAL A 115 -52.64 16.84 -10.32
CA VAL A 115 -52.13 15.52 -10.65
C VAL A 115 -50.68 15.51 -11.18
N LEU A 116 -49.94 14.47 -10.83
CA LEU A 116 -48.58 14.26 -11.31
C LEU A 116 -48.50 12.83 -11.84
N TYR A 117 -48.12 12.68 -13.10
CA TYR A 117 -47.86 11.38 -13.67
C TYR A 117 -46.36 11.15 -13.64
N LEU A 118 -45.96 9.98 -13.23
CA LEU A 118 -44.56 9.63 -13.06
C LEU A 118 -44.11 8.48 -13.91
N THR A 119 -42.88 8.57 -14.38
CA THR A 119 -42.25 7.46 -15.07
C THR A 119 -40.89 7.28 -14.38
N GLY A 120 -40.69 6.13 -13.78
CA GLY A 120 -39.47 5.83 -13.08
C GLY A 120 -38.46 5.09 -13.93
N ILE A 121 -37.21 5.58 -13.94
CA ILE A 121 -36.14 4.89 -14.67
C ILE A 121 -35.02 4.62 -13.69
N GLU A 122 -34.19 3.63 -13.99
CA GLU A 122 -33.00 3.37 -13.20
C GLU A 122 -31.79 3.83 -14.00
N VAL A 123 -30.85 4.55 -13.37
CA VAL A 123 -29.60 4.92 -14.04
C VAL A 123 -28.61 4.76 -12.94
N SER A 124 -27.87 3.62 -12.91
CA SER A 124 -26.91 3.48 -11.82
C SER A 124 -25.60 2.80 -12.15
N LEU A 125 -24.52 3.32 -11.55
CA LEU A 125 -23.18 2.74 -11.60
C LEU A 125 -23.01 2.05 -10.20
N GLU A 126 -22.56 0.79 -10.16
CA GLU A 126 -22.35 0.11 -8.89
C GLU A 126 -20.98 -0.56 -8.83
N VAL A 127 -20.41 -0.63 -7.63
CA VAL A 127 -19.10 -1.23 -7.41
C VAL A 127 -19.15 -2.10 -6.14
N ASP A 128 -18.00 -2.68 -5.74
CA ASP A 128 -17.91 -3.45 -4.52
C ASP A 128 -17.67 -2.48 -3.38
N ILE A 129 -18.68 -1.72 -3.08
CA ILE A 129 -18.68 -0.69 -2.09
C ILE A 129 -18.55 -1.20 -0.67
N TYR A 130 -19.04 -2.40 -0.39
CA TYR A 130 -18.92 -2.95 0.97
C TYR A 130 -17.67 -3.83 1.15
N ARG A 131 -16.75 -3.81 0.15
CA ARG A 131 -15.48 -4.53 0.17
C ARG A 131 -15.70 -6.02 0.47
N ASN A 132 -16.69 -6.64 -0.20
CA ASN A 132 -17.00 -8.07 -0.02
C ASN A 132 -16.55 -8.98 -1.17
N GLY A 133 -15.93 -8.41 -2.21
CA GLY A 133 -15.45 -9.21 -3.34
C GLY A 133 -16.40 -9.30 -4.52
N GLN A 134 -17.56 -8.68 -4.41
CA GLN A 134 -18.51 -8.63 -5.50
C GLN A 134 -19.19 -7.24 -5.54
N VAL A 135 -19.68 -6.84 -6.70
CA VAL A 135 -20.42 -5.61 -6.84
C VAL A 135 -21.74 -5.78 -6.08
N GLU A 136 -22.05 -4.86 -5.17
CA GLU A 136 -23.32 -4.84 -4.47
C GLU A 136 -23.99 -3.47 -4.73
N MET A 137 -25.33 -3.44 -4.68
CA MET A 137 -26.12 -2.23 -4.84
C MET A 137 -25.91 -1.32 -3.61
N SER A 138 -25.57 -0.06 -3.86
CA SER A 138 -25.38 0.90 -2.77
C SER A 138 -26.72 1.36 -2.24
N SER A 139 -26.81 1.50 -0.92
CA SER A 139 -28.04 1.88 -0.22
C SER A 139 -28.46 3.35 -0.44
N ASP A 140 -27.53 4.20 -0.87
CA ASP A 140 -27.79 5.61 -1.01
C ASP A 140 -26.92 6.25 -2.11
N LYS A 141 -27.55 7.05 -2.99
CA LYS A 141 -26.91 7.77 -4.10
C LYS A 141 -25.86 8.79 -3.67
N GLN A 142 -25.99 9.36 -2.45
CA GLN A 142 -25.01 10.35 -2.02
C GLN A 142 -23.88 9.72 -1.23
N ALA A 143 -24.19 8.77 -0.33
CA ALA A 143 -23.17 8.06 0.46
C ALA A 143 -22.15 7.35 -0.43
N LYS A 144 -22.56 6.90 -1.61
CA LYS A 144 -21.71 6.16 -2.54
C LYS A 144 -20.59 6.99 -3.16
N LYS A 145 -20.66 8.30 -3.10
CA LYS A 145 -19.56 9.16 -3.56
C LYS A 145 -18.48 9.33 -2.48
N LYS A 146 -18.72 8.81 -1.26
CA LYS A 146 -17.76 8.97 -0.18
C LYS A 146 -16.98 7.68 0.05
N TRP A 147 -15.72 7.81 0.46
CA TRP A 147 -14.88 6.66 0.75
C TRP A 147 -14.50 6.78 2.21
N ILE A 148 -15.02 5.88 3.05
CA ILE A 148 -14.82 5.93 4.50
C ILE A 148 -13.92 4.84 4.96
N TRP A 149 -12.85 5.20 5.72
CA TRP A 149 -11.92 4.23 6.28
C TRP A 149 -12.54 3.46 7.46
N GLY A 150 -12.01 2.28 7.78
CA GLY A 150 -12.45 1.54 8.96
C GLY A 150 -13.41 0.41 8.75
N PRO A 151 -13.66 -0.36 9.83
CA PRO A 151 -14.57 -1.51 9.73
C PRO A 151 -16.01 -1.09 9.48
N SER A 152 -16.44 0.05 10.05
CA SER A 152 -17.78 0.56 9.78
C SER A 152 -17.79 1.57 8.58
N GLY A 153 -16.75 1.52 7.75
CA GLY A 153 -16.65 2.35 6.56
C GLY A 153 -17.22 1.65 5.34
N TRP A 154 -16.98 2.26 4.17
CA TRP A 154 -17.35 1.73 2.86
C TRP A 154 -16.52 2.42 1.79
N GLY A 155 -16.53 1.91 0.57
CA GLY A 155 -15.75 2.45 -0.52
C GLY A 155 -15.05 1.34 -1.28
N ALA A 156 -15.25 1.25 -2.61
CA ALA A 156 -14.61 0.20 -3.40
C ALA A 156 -13.09 0.40 -3.55
N ILE A 157 -12.38 -0.69 -3.79
CA ILE A 157 -10.94 -0.68 -3.91
C ILE A 157 -10.47 -1.11 -5.30
N LEU A 158 -9.48 -0.40 -5.82
CA LEU A 158 -8.85 -0.63 -7.11
C LEU A 158 -7.37 -1.03 -6.92
N LEU A 159 -6.88 -2.01 -7.68
CA LEU A 159 -5.49 -2.43 -7.61
C LEU A 159 -4.71 -1.90 -8.81
N VAL A 160 -3.45 -1.45 -8.56
CA VAL A 160 -2.55 -1.01 -9.61
C VAL A 160 -2.16 -2.26 -10.45
N ASN A 161 -2.07 -2.11 -11.79
CA ASN A 161 -1.59 -3.17 -12.66
C ASN A 161 -0.07 -3.17 -12.47
N CYS A 162 0.47 -4.27 -11.91
N CYS A 162 0.49 -4.25 -11.95
CA CYS A 162 1.89 -4.50 -11.65
CA CYS A 162 1.93 -4.34 -11.81
C CYS A 162 2.45 -5.57 -12.61
C CYS A 162 2.49 -5.48 -12.63
N ASN A 163 1.90 -5.73 -13.81
CA ASN A 163 2.37 -6.78 -14.74
C ASN A 163 3.79 -6.45 -15.16
N PRO A 164 4.75 -7.35 -14.88
CA PRO A 164 6.15 -7.02 -15.20
C PRO A 164 6.41 -6.76 -16.69
N ALA A 165 5.51 -7.20 -17.59
CA ALA A 165 5.68 -6.91 -19.01
C ALA A 165 5.63 -5.40 -19.28
N ASP A 166 4.84 -4.66 -18.49
CA ASP A 166 4.69 -3.22 -18.66
C ASP A 166 5.89 -2.37 -18.16
N VAL A 167 6.94 -3.04 -17.66
CA VAL A 167 8.16 -2.40 -17.15
C VAL A 167 9.20 -2.25 -18.27
N GLY A 168 9.54 -1.00 -18.57
CA GLY A 168 10.51 -0.67 -19.62
C GLY A 168 10.04 0.47 -20.51
N THR A 176 -5.47 -0.24 -26.65
CA THR A 176 -6.78 -0.03 -27.28
C THR A 176 -7.64 -1.29 -27.20
N LYS A 177 -7.01 -2.43 -27.45
CA LYS A 177 -7.69 -3.71 -27.40
C LYS A 177 -6.70 -4.71 -26.87
N LYS A 178 -7.09 -5.49 -25.86
CA LYS A 178 -6.18 -6.45 -25.24
C LYS A 178 -6.87 -7.75 -24.89
N VAL A 179 -6.10 -8.84 -24.83
CA VAL A 179 -6.60 -10.12 -24.37
C VAL A 179 -6.24 -10.20 -22.87
N ILE A 180 -7.21 -10.55 -22.03
CA ILE A 180 -6.96 -10.66 -20.60
C ILE A 180 -7.36 -12.05 -20.14
N PHE A 181 -6.41 -12.77 -19.55
CA PHE A 181 -6.64 -14.15 -19.11
C PHE A 181 -7.46 -14.22 -17.81
N SER A 182 -8.12 -15.35 -17.55
CA SER A 182 -8.90 -15.56 -16.33
C SER A 182 -8.05 -15.38 -15.06
N GLU A 183 -6.72 -15.61 -15.15
CA GLU A 183 -5.81 -15.42 -14.01
C GLU A 183 -5.53 -13.91 -13.79
N GLU A 184 -5.47 -13.12 -14.87
CA GLU A 184 -5.18 -11.69 -14.80
C GLU A 184 -6.43 -10.82 -14.61
N ILE A 185 -7.60 -11.31 -15.01
CA ILE A 185 -8.85 -10.56 -14.89
C ILE A 185 -9.33 -10.43 -13.44
N THR A 186 -8.85 -11.30 -12.54
CA THR A 186 -9.22 -11.20 -11.12
C THR A 186 -8.54 -10.00 -10.46
N ASN A 187 -7.43 -9.47 -11.02
CA ASN A 187 -6.75 -8.26 -10.54
C ASN A 187 -7.63 -7.01 -10.74
N LEU A 188 -8.56 -7.05 -11.72
CA LEU A 188 -9.37 -5.87 -12.03
C LEU A 188 -10.62 -5.78 -11.21
N SER A 189 -11.07 -4.54 -10.94
CA SER A 189 -12.30 -4.31 -10.19
C SER A 189 -13.48 -4.15 -11.14
N GLN A 190 -14.64 -4.72 -10.77
CA GLN A 190 -15.84 -4.57 -11.55
C GLN A 190 -16.59 -3.26 -11.24
N MET A 191 -17.25 -2.71 -12.28
CA MET A 191 -18.06 -1.52 -12.18
C MET A 191 -19.22 -1.77 -13.10
N THR A 192 -20.42 -1.96 -12.53
CA THR A 192 -21.61 -2.29 -13.33
CA THR A 192 -21.58 -2.27 -13.39
C THR A 192 -22.46 -1.06 -13.61
N LEU A 193 -22.96 -0.93 -14.84
CA LEU A 193 -23.85 0.14 -15.21
C LEU A 193 -25.23 -0.50 -15.54
N ASN A 194 -26.30 0.02 -14.93
CA ASN A 194 -27.64 -0.50 -15.15
C ASN A 194 -28.52 0.64 -15.53
N VAL A 195 -29.32 0.48 -16.58
CA VAL A 195 -30.25 1.50 -17.02
C VAL A 195 -31.55 0.78 -17.36
N GLN A 196 -32.68 1.19 -16.78
CA GLN A 196 -33.96 0.51 -17.06
C GLN A 196 -35.04 1.55 -17.16
N GLY A 197 -35.86 1.45 -18.17
CA GLY A 197 -36.99 2.38 -18.34
C GLY A 197 -37.68 2.16 -19.64
N PRO A 198 -38.85 2.78 -19.85
CA PRO A 198 -39.53 2.62 -21.14
C PRO A 198 -38.61 2.97 -22.33
N SER A 199 -38.55 2.11 -23.35
CA SER A 199 -37.77 2.29 -24.60
C SER A 199 -38.01 3.66 -25.20
N CYS A 200 -39.26 4.14 -25.16
CA CYS A 200 -39.58 5.43 -25.77
C CYS A 200 -39.05 6.63 -24.99
N ILE A 201 -38.65 6.42 -23.72
CA ILE A 201 -38.06 7.47 -22.89
C ILE A 201 -36.53 7.34 -23.07
N LEU A 202 -35.97 6.12 -22.85
CA LEU A 202 -34.53 5.91 -22.97
C LEU A 202 -33.97 6.34 -24.34
N LYS A 203 -34.72 6.11 -25.46
CA LYS A 203 -34.24 6.50 -26.79
C LYS A 203 -34.04 7.99 -26.93
N LYS A 204 -34.63 8.83 -26.06
CA LYS A 204 -34.41 10.28 -26.11
C LYS A 204 -33.01 10.68 -25.61
N TYR A 205 -32.33 9.78 -24.90
CA TYR A 205 -31.06 10.11 -24.26
C TYR A 205 -29.90 9.29 -24.76
N ARG A 206 -28.72 9.74 -24.39
CA ARG A 206 -27.45 9.08 -24.67
C ARG A 206 -26.74 8.90 -23.29
N LEU A 207 -25.88 7.89 -23.13
CA LEU A 207 -25.13 7.70 -21.89
C LEU A 207 -23.69 8.06 -22.14
N VAL A 208 -23.07 8.72 -21.17
CA VAL A 208 -21.65 9.02 -21.28
C VAL A 208 -20.99 8.54 -20.00
N LEU A 209 -20.09 7.54 -20.10
CA LEU A 209 -19.31 7.06 -18.95
C LEU A 209 -18.07 7.94 -18.95
N HIS A 210 -17.73 8.59 -17.81
CA HIS A 210 -16.62 9.54 -17.79
C HIS A 210 -16.00 9.77 -16.43
N THR A 211 -14.88 10.49 -16.44
CA THR A 211 -14.11 10.94 -15.29
C THR A 211 -13.34 12.20 -15.76
N SER A 212 -12.73 12.94 -14.83
CA SER A 212 -11.97 14.14 -15.21
C SER A 212 -10.67 13.76 -15.97
N LYS A 213 -10.11 14.72 -16.74
CA LYS A 213 -8.86 14.51 -17.48
C LYS A 213 -7.73 14.02 -16.56
N GLU A 214 -7.60 14.63 -15.37
CA GLU A 214 -6.56 14.26 -14.42
C GLU A 214 -6.74 12.83 -13.88
N GLU A 215 -7.97 12.45 -13.46
CA GLU A 215 -8.28 11.10 -12.96
C GLU A 215 -8.08 10.02 -14.04
N SER A 216 -8.38 10.33 -15.31
CA SER A 216 -8.21 9.40 -16.42
C SER A 216 -6.77 8.98 -16.63
N LYS A 217 -5.78 9.83 -16.22
CA LYS A 217 -4.35 9.44 -16.31
C LYS A 217 -3.99 8.40 -15.25
N LYS A 218 -4.86 8.14 -14.26
CA LYS A 218 -4.56 7.28 -13.11
C LYS A 218 -5.16 5.90 -13.18
N ALA A 219 -6.05 5.60 -14.15
CA ALA A 219 -6.64 4.26 -14.24
C ALA A 219 -7.11 3.93 -15.67
N ARG A 220 -7.40 2.64 -15.94
CA ARG A 220 -7.89 2.21 -17.22
C ARG A 220 -9.18 1.43 -17.01
N VAL A 221 -10.16 1.63 -17.92
CA VAL A 221 -11.44 0.93 -17.86
C VAL A 221 -11.59 0.10 -19.13
N TYR A 222 -11.93 -1.18 -18.96
CA TYR A 222 -12.06 -2.09 -20.09
C TYR A 222 -13.46 -2.65 -20.19
N TRP A 223 -13.86 -3.01 -21.40
CA TRP A 223 -15.17 -3.54 -21.69
C TRP A 223 -14.99 -4.82 -22.53
N PRO A 224 -15.47 -5.97 -22.05
CA PRO A 224 -15.26 -7.23 -22.79
C PRO A 224 -16.10 -7.35 -24.06
N GLN A 225 -15.53 -8.00 -25.08
CA GLN A 225 -16.23 -8.21 -26.35
C GLN A 225 -17.22 -9.34 -26.24
N SER A 230 -10.42 -13.72 -22.90
CA SER A 230 -11.38 -12.88 -23.65
C SER A 230 -10.72 -11.56 -24.15
N THR A 231 -11.33 -10.93 -25.16
CA THR A 231 -10.82 -9.68 -25.71
C THR A 231 -11.55 -8.51 -25.06
N PHE A 232 -10.82 -7.52 -24.55
CA PHE A 232 -11.33 -6.33 -23.86
C PHE A 232 -10.93 -5.03 -24.57
N GLU A 233 -11.90 -4.16 -24.79
CA GLU A 233 -11.72 -2.85 -25.43
C GLU A 233 -11.47 -1.80 -24.35
N LEU A 234 -10.45 -0.94 -24.53
CA LEU A 234 -10.15 0.14 -23.58
C LEU A 234 -11.17 1.26 -23.84
N VAL A 235 -12.04 1.53 -22.85
CA VAL A 235 -13.05 2.55 -23.02
C VAL A 235 -12.66 3.87 -22.36
N LEU A 236 -11.94 3.82 -21.25
CA LEU A 236 -11.46 5.03 -20.55
C LEU A 236 -10.01 4.78 -20.18
N GLY A 237 -9.22 5.82 -20.24
CA GLY A 237 -7.80 5.77 -19.88
C GLY A 237 -7.14 7.12 -20.05
N PRO A 238 -5.80 7.17 -19.98
CA PRO A 238 -5.12 8.47 -20.05
C PRO A 238 -5.43 9.30 -21.30
N ASP A 239 -5.72 8.65 -22.45
CA ASP A 239 -6.04 9.42 -23.66
C ASP A 239 -7.55 9.57 -23.95
N GLN A 240 -8.41 8.96 -23.13
CA GLN A 240 -9.84 9.03 -23.32
C GLN A 240 -10.54 9.13 -21.97
N HIS A 241 -11.13 10.29 -21.65
CA HIS A 241 -11.81 10.46 -20.36
C HIS A 241 -13.34 10.48 -20.46
N ALA A 242 -13.91 10.20 -21.66
CA ALA A 242 -15.34 10.14 -21.89
C ALA A 242 -15.61 9.05 -22.91
N TYR A 243 -16.66 8.22 -22.70
CA TYR A 243 -17.04 7.15 -23.62
C TYR A 243 -18.55 7.14 -23.78
N THR A 244 -19.05 7.23 -25.01
CA THR A 244 -20.48 7.26 -25.28
C THR A 244 -21.13 5.87 -25.51
N LEU A 245 -22.31 5.63 -24.93
CA LEU A 245 -23.04 4.38 -25.07
C LEU A 245 -24.44 4.72 -25.56
N ALA A 246 -24.92 3.98 -26.56
CA ALA A 246 -26.23 4.17 -27.13
C ALA A 246 -27.29 3.43 -26.30
N LEU A 247 -28.44 4.07 -26.09
CA LEU A 247 -29.57 3.50 -25.35
C LEU A 247 -30.58 2.96 -26.37
N LEU A 248 -30.50 1.64 -26.62
CA LEU A 248 -31.36 0.92 -27.56
C LEU A 248 -32.22 -0.11 -26.78
N GLY A 249 -33.53 0.14 -26.66
CA GLY A 249 -34.41 -0.77 -25.92
C GLY A 249 -34.76 -0.26 -24.54
N ASN A 250 -35.27 -1.15 -23.67
CA ASN A 250 -35.72 -0.74 -22.34
C ASN A 250 -34.75 -1.03 -21.20
N HIS A 251 -33.58 -1.61 -21.50
CA HIS A 251 -32.60 -1.87 -20.47
C HIS A 251 -31.21 -2.06 -21.03
N LEU A 252 -30.22 -1.63 -20.26
CA LEU A 252 -28.82 -1.77 -20.62
C LEU A 252 -28.13 -2.27 -19.36
N LYS A 253 -27.38 -3.35 -19.47
CA LYS A 253 -26.62 -3.88 -18.34
C LYS A 253 -25.24 -4.13 -18.88
N GLU A 254 -24.25 -3.42 -18.35
CA GLU A 254 -22.88 -3.58 -18.81
C GLU A 254 -21.93 -3.65 -17.65
N THR A 255 -20.95 -4.53 -17.70
CA THR A 255 -19.94 -4.60 -16.65
C THR A 255 -18.60 -4.16 -17.25
N PHE A 256 -17.91 -3.25 -16.56
CA PHE A 256 -16.60 -2.75 -16.94
C PHE A 256 -15.56 -3.26 -15.92
N TYR A 257 -14.29 -3.32 -16.35
CA TYR A 257 -13.21 -3.84 -15.54
C TYR A 257 -12.15 -2.77 -15.44
N VAL A 258 -11.83 -2.38 -14.22
CA VAL A 258 -10.98 -1.24 -13.95
C VAL A 258 -9.67 -1.65 -13.31
N GLU A 259 -8.55 -0.99 -13.70
CA GLU A 259 -7.25 -1.20 -13.06
C GLU A 259 -6.53 0.16 -12.87
N ALA A 260 -5.83 0.36 -11.75
CA ALA A 260 -5.09 1.61 -11.54
C ALA A 260 -3.74 1.57 -12.25
N ILE A 261 -3.15 2.73 -12.51
CA ILE A 261 -1.87 2.80 -13.18
C ILE A 261 -0.75 3.05 -12.20
N ALA A 262 -1.00 3.89 -11.21
CA ALA A 262 -0.03 4.33 -10.23
C ALA A 262 -0.56 4.22 -8.79
N PHE A 263 0.37 4.01 -7.85
CA PHE A 263 0.02 3.99 -6.44
C PHE A 263 -0.25 5.44 -5.99
N PRO A 264 -0.84 5.68 -4.82
CA PRO A 264 -0.91 7.07 -4.29
C PRO A 264 0.49 7.73 -4.26
N SER A 265 0.55 9.04 -4.48
CA SER A 265 1.82 9.75 -4.49
C SER A 265 1.61 11.20 -3.99
N ALA A 266 2.64 12.06 -4.05
CA ALA A 266 2.54 13.45 -3.66
C ALA A 266 1.40 14.16 -4.40
N GLU A 267 1.24 13.88 -5.68
CA GLU A 267 0.22 14.52 -6.52
C GLU A 267 -1.15 13.75 -6.55
N PHE A 268 -1.15 12.45 -6.15
CA PHE A 268 -2.34 11.60 -6.22
C PHE A 268 -2.76 11.02 -4.85
N SER A 269 -3.96 11.39 -4.37
CA SER A 269 -4.50 10.92 -3.08
C SER A 269 -4.81 9.43 -3.04
N GLY A 270 -5.11 8.86 -4.19
CA GLY A 270 -5.57 7.48 -4.28
C GLY A 270 -7.05 7.41 -4.68
N LEU A 271 -7.79 8.53 -4.64
CA LEU A 271 -9.22 8.51 -5.01
C LEU A 271 -9.44 8.77 -6.47
N ILE A 272 -10.25 7.92 -7.09
CA ILE A 272 -10.62 8.09 -8.51
C ILE A 272 -12.12 7.87 -8.58
N SER A 273 -12.85 8.78 -9.24
CA SER A 273 -14.28 8.61 -9.37
C SER A 273 -14.70 8.44 -10.82
N TYR A 274 -15.79 7.67 -11.04
CA TYR A 274 -16.34 7.46 -12.38
C TYR A 274 -17.77 7.84 -12.35
N SER A 275 -18.28 8.42 -13.45
CA SER A 275 -19.65 8.84 -13.51
C SER A 275 -20.32 8.37 -14.78
N VAL A 276 -21.65 8.30 -14.74
CA VAL A 276 -22.44 8.06 -15.92
C VAL A 276 -23.36 9.25 -15.98
N SER A 277 -23.35 9.97 -17.10
CA SER A 277 -24.22 11.12 -17.31
C SER A 277 -25.26 10.74 -18.36
N LEU A 278 -26.53 11.09 -18.10
CA LEU A 278 -27.64 10.87 -18.98
C LEU A 278 -27.77 12.17 -19.76
N VAL A 279 -27.50 12.12 -21.07
CA VAL A 279 -27.46 13.31 -21.88
C VAL A 279 -28.66 13.41 -22.80
N GLU A 280 -29.38 14.54 -22.76
CA GLU A 280 -30.52 14.77 -23.63
C GLU A 280 -30.00 15.34 -24.93
N GLU A 281 -30.20 14.57 -25.99
CA GLU A 281 -29.84 14.94 -27.35
C GLU A 281 -30.74 16.14 -27.74
N SER A 282 -30.14 17.20 -28.34
CA SER A 282 -30.91 18.38 -28.69
C SER A 282 -31.93 18.12 -29.81
N ASP A 284 -32.87 20.56 -32.41
CA ASP A 284 -32.55 21.98 -32.55
C ASP A 284 -31.06 22.21 -32.38
N PRO A 285 -30.35 22.54 -33.48
CA PRO A 285 -28.90 22.78 -33.39
C PRO A 285 -28.50 24.04 -32.61
N SER A 286 -29.38 25.07 -32.55
CA SER A 286 -29.05 26.31 -31.84
C SER A 286 -28.98 26.16 -30.29
N ILE A 287 -29.62 25.13 -29.73
CA ILE A 287 -29.66 24.91 -28.29
C ILE A 287 -28.67 23.81 -27.98
N PRO A 288 -27.68 24.05 -27.07
CA PRO A 288 -26.75 22.96 -26.73
C PRO A 288 -27.42 21.80 -26.01
N GLU A 289 -26.77 20.63 -26.02
CA GLU A 289 -27.28 19.47 -25.30
C GLU A 289 -27.25 19.73 -23.81
N THR A 290 -27.96 18.92 -23.03
CA THR A 290 -27.92 19.09 -21.59
C THR A 290 -27.80 17.75 -20.87
N VAL A 291 -27.20 17.76 -19.71
CA VAL A 291 -27.08 16.59 -18.87
C VAL A 291 -28.25 16.68 -17.88
N LEU A 292 -29.10 15.66 -17.83
CA LEU A 292 -30.25 15.65 -16.93
C LEU A 292 -30.01 14.91 -15.61
N TYR A 293 -29.06 14.00 -15.60
CA TYR A 293 -28.77 13.20 -14.42
C TYR A 293 -27.33 12.70 -14.48
N LYS A 294 -26.73 12.54 -13.33
CA LYS A 294 -25.39 11.95 -13.22
C LYS A 294 -25.34 11.06 -11.99
N ASP A 295 -24.80 9.83 -12.14
CA ASP A 295 -24.54 8.95 -11.01
C ASP A 295 -23.03 8.78 -10.93
N THR A 296 -22.49 8.73 -9.72
CA THR A 296 -21.04 8.65 -9.52
C THR A 296 -20.64 7.59 -8.48
N VAL A 297 -19.53 6.85 -8.79
CA VAL A 297 -18.91 5.90 -7.87
C VAL A 297 -17.50 6.37 -7.55
N VAL A 298 -16.96 5.97 -6.40
CA VAL A 298 -15.59 6.34 -6.04
C VAL A 298 -14.78 5.09 -5.71
N PHE A 299 -13.55 5.04 -6.22
CA PHE A 299 -12.59 3.97 -5.92
C PHE A 299 -11.44 4.56 -5.13
N ARG A 300 -10.81 3.73 -4.30
CA ARG A 300 -9.57 4.09 -3.67
C ARG A 300 -8.55 3.08 -4.19
N VAL A 301 -7.49 3.57 -4.79
CA VAL A 301 -6.39 2.72 -5.25
C VAL A 301 -5.66 2.21 -4.00
N ALA A 302 -5.56 0.87 -3.82
CA ALA A 302 -4.89 0.30 -2.64
C ALA A 302 -3.45 0.78 -2.52
N PRO A 303 -2.99 1.03 -1.29
CA PRO A 303 -1.62 1.50 -1.12
C PRO A 303 -0.59 0.36 -1.31
N CYS A 304 0.66 0.73 -1.52
CA CYS A 304 1.76 -0.20 -1.65
C CYS A 304 2.21 -0.44 -0.20
N VAL A 305 2.05 -1.65 0.29
CA VAL A 305 2.35 -2.02 1.69
C VAL A 305 3.67 -2.83 1.83
N PHE A 306 4.62 -2.35 2.63
CA PHE A 306 5.90 -3.01 2.82
C PHE A 306 5.82 -4.04 3.96
N ILE A 307 6.68 -5.09 3.89
CA ILE A 307 6.59 -6.21 4.81
C ILE A 307 7.80 -6.35 5.75
N PRO A 308 7.59 -6.42 7.08
CA PRO A 308 8.71 -6.58 8.01
C PRO A 308 9.24 -8.01 8.02
N CYS A 309 10.49 -8.19 8.54
CA CYS A 309 11.08 -9.52 8.54
CA CYS A 309 11.16 -9.48 8.62
C CYS A 309 10.50 -10.47 9.59
N THR A 310 9.53 -10.03 10.34
CA THR A 310 8.80 -10.87 11.28
C THR A 310 7.67 -11.67 10.54
N GLN A 311 7.37 -11.35 9.25
CA GLN A 311 6.38 -12.12 8.50
C GLN A 311 7.04 -13.39 7.97
N VAL A 312 6.24 -14.47 7.80
CA VAL A 312 6.83 -15.76 7.37
C VAL A 312 7.43 -15.71 5.96
N PRO A 313 8.66 -16.16 5.79
CA PRO A 313 9.27 -16.16 4.44
C PRO A 313 8.61 -17.19 3.50
N LEU A 314 8.36 -16.79 2.25
CA LEU A 314 7.80 -17.64 1.22
C LEU A 314 8.89 -17.99 0.20
N GLU A 315 9.72 -16.99 -0.18
CA GLU A 315 10.76 -17.19 -1.18
C GLU A 315 11.96 -16.33 -0.87
N VAL A 316 13.15 -16.86 -1.12
CA VAL A 316 14.39 -16.13 -0.93
C VAL A 316 14.99 -15.90 -2.31
N TYR A 317 15.11 -14.64 -2.73
CA TYR A 317 15.73 -14.32 -4.00
C TYR A 317 17.20 -14.09 -3.75
N LEU A 318 18.06 -14.77 -4.50
CA LEU A 318 19.50 -14.77 -4.31
C LEU A 318 20.28 -14.33 -5.54
N CYS A 319 21.04 -13.23 -5.46
CA CYS A 319 21.90 -12.81 -6.56
C CYS A 319 23.26 -13.36 -6.20
N ARG A 320 23.68 -14.47 -6.82
CA ARG A 320 24.91 -15.15 -6.42
C ARG A 320 26.21 -14.49 -6.86
N GLU A 321 26.25 -13.78 -8.01
CA GLU A 321 27.45 -13.17 -8.59
CA GLU A 321 27.46 -13.15 -8.53
C GLU A 321 28.62 -14.17 -8.63
N LEU A 322 28.37 -15.35 -9.24
CA LEU A 322 29.31 -16.49 -9.42
C LEU A 322 29.86 -17.05 -8.10
N GLN A 323 29.17 -16.85 -6.99
CA GLN A 323 29.61 -17.35 -5.69
C GLN A 323 28.79 -18.57 -5.26
N LEU A 324 29.39 -19.47 -4.47
CA LEU A 324 28.67 -20.63 -3.94
C LEU A 324 29.00 -20.80 -2.47
N GLN A 325 30.27 -21.17 -2.13
CA GLN A 325 30.67 -21.34 -0.73
C GLN A 325 30.50 -20.01 0.02
N GLY A 326 29.96 -20.09 1.23
CA GLY A 326 29.73 -18.93 2.08
C GLY A 326 28.28 -18.54 2.12
N PHE A 327 28.01 -17.28 1.80
CA PHE A 327 26.66 -16.74 1.80
C PHE A 327 25.68 -17.56 0.98
N VAL A 328 25.96 -17.76 -0.32
CA VAL A 328 25.01 -18.45 -1.21
C VAL A 328 24.62 -19.86 -0.73
N ASP A 329 25.61 -20.67 -0.37
CA ASP A 329 25.35 -22.03 0.09
C ASP A 329 24.61 -22.08 1.44
N THR A 330 25.07 -21.26 2.40
CA THR A 330 24.49 -21.26 3.74
C THR A 330 23.05 -20.74 3.70
N VAL A 331 22.81 -19.60 3.05
CA VAL A 331 21.45 -19.06 2.88
C VAL A 331 20.54 -20.04 2.08
N THR A 332 21.08 -20.77 1.09
CA THR A 332 20.30 -21.79 0.37
C THR A 332 19.87 -22.89 1.37
N LYS A 333 20.82 -23.35 2.19
CA LYS A 333 20.58 -24.38 3.21
C LYS A 333 19.56 -23.93 4.25
N LEU A 334 19.71 -22.70 4.75
CA LEU A 334 18.83 -22.11 5.76
C LEU A 334 17.41 -22.01 5.23
N SER A 335 17.28 -21.62 3.98
CA SER A 335 15.98 -21.46 3.33
C SER A 335 15.24 -22.79 3.19
N GLU A 336 15.96 -23.87 2.88
CA GLU A 336 15.35 -25.21 2.74
C GLU A 336 14.85 -25.68 4.12
N LYS A 337 15.65 -25.47 5.15
CA LYS A 337 15.39 -25.73 6.56
C LYS A 337 14.16 -24.92 7.06
N SER A 338 13.82 -23.80 6.39
CA SER A 338 12.72 -22.92 6.82
C SER A 338 11.46 -22.99 5.98
N ASN A 339 11.28 -24.06 5.19
N ASN A 339 11.28 -24.07 5.20
CA ASN A 339 10.09 -24.22 4.35
CA ASN A 339 10.11 -24.27 4.32
C ASN A 339 9.98 -23.06 3.35
C ASN A 339 9.99 -23.17 3.26
N SER A 340 11.12 -22.63 2.78
CA SER A 340 11.14 -21.52 1.84
C SER A 340 11.78 -21.85 0.50
N GLN A 341 11.26 -21.31 -0.60
CA GLN A 341 11.84 -21.56 -1.93
C GLN A 341 13.03 -20.64 -2.20
N VAL A 342 13.98 -21.08 -2.99
CA VAL A 342 15.10 -20.25 -3.39
C VAL A 342 14.91 -19.89 -4.86
N ALA A 343 15.03 -18.62 -5.20
CA ALA A 343 14.90 -18.18 -6.59
C ALA A 343 16.21 -17.49 -6.95
N SER A 344 16.88 -18.02 -7.97
CA SER A 344 18.15 -17.46 -8.42
C SER A 344 17.86 -16.14 -9.11
N VAL A 345 18.76 -15.18 -8.95
CA VAL A 345 18.61 -13.87 -9.57
C VAL A 345 19.87 -13.63 -10.41
N TYR A 346 19.72 -13.11 -11.63
CA TYR A 346 20.87 -12.79 -12.48
C TYR A 346 21.62 -11.56 -12.01
N GLU A 347 22.89 -11.44 -12.40
CA GLU A 347 23.64 -10.22 -12.08
C GLU A 347 23.16 -9.13 -13.05
N ASP A 348 23.15 -7.86 -12.60
CA ASP A 348 22.77 -6.77 -13.48
C ASP A 348 24.02 -5.93 -13.67
N PRO A 349 24.68 -6.05 -14.83
CA PRO A 349 25.94 -5.33 -15.05
C PRO A 349 25.78 -3.80 -15.13
N ASN A 350 24.56 -3.32 -15.38
CA ASN A 350 24.23 -1.90 -15.44
C ASN A 350 23.94 -1.27 -14.07
N ARG A 351 24.07 -2.04 -12.98
CA ARG A 351 23.80 -1.50 -11.65
C ARG A 351 24.96 -1.75 -10.69
N LEU A 352 25.05 -0.95 -9.61
CA LEU A 352 26.01 -1.13 -8.53
C LEU A 352 25.68 -2.45 -7.83
N GLY A 353 26.67 -3.07 -7.22
CA GLY A 353 26.46 -4.34 -6.53
C GLY A 353 25.52 -4.20 -5.35
N ARG A 354 24.93 -5.31 -4.92
CA ARG A 354 23.99 -5.32 -3.80
C ARG A 354 22.64 -4.63 -4.15
N TRP A 355 22.39 -4.32 -5.45
CA TRP A 355 21.12 -3.75 -5.93
C TRP A 355 19.88 -4.57 -5.53
N LEU A 356 19.95 -5.91 -5.50
CA LEU A 356 18.75 -6.73 -5.16
C LEU A 356 18.22 -6.37 -3.77
N GLN A 357 19.13 -6.05 -2.85
CA GLN A 357 18.80 -5.63 -1.52
C GLN A 357 18.57 -4.08 -1.40
N ASP A 358 19.45 -3.27 -2.03
CA ASP A 358 19.46 -1.82 -1.89
C ASP A 358 18.47 -1.06 -2.77
N GLU A 359 18.13 -1.62 -3.92
CA GLU A 359 17.23 -0.92 -4.85
C GLU A 359 15.86 -1.55 -4.99
N MET A 360 15.60 -2.65 -4.27
CA MET A 360 14.32 -3.32 -4.38
C MET A 360 13.74 -3.70 -3.03
N ALA A 361 12.39 -3.84 -2.99
CA ALA A 361 11.67 -4.26 -1.81
C ALA A 361 10.46 -5.08 -2.20
N PHE A 362 10.24 -6.18 -1.49
CA PHE A 362 9.04 -6.98 -1.72
C PHE A 362 7.94 -6.37 -0.89
N CYS A 363 6.85 -6.10 -1.53
CA CYS A 363 5.71 -5.45 -0.92
C CYS A 363 4.45 -6.08 -1.52
N TYR A 364 3.29 -5.60 -1.09
CA TYR A 364 2.04 -6.09 -1.63
C TYR A 364 1.01 -4.99 -1.69
N THR A 365 -0.03 -5.23 -2.47
CA THR A 365 -1.15 -4.33 -2.60
C THR A 365 -2.43 -5.20 -2.61
N GLN A 366 -3.45 -4.83 -1.85
CA GLN A 366 -4.59 -5.70 -1.62
C GLN A 366 -5.98 -5.10 -1.80
N ALA A 367 -6.84 -5.87 -2.45
CA ALA A 367 -8.26 -5.55 -2.65
C ALA A 367 -9.08 -6.69 -2.04
N PRO A 368 -10.40 -6.49 -1.84
CA PRO A 368 -11.24 -7.59 -1.31
C PRO A 368 -11.19 -8.85 -2.15
N HIS A 369 -11.04 -8.72 -3.47
CA HIS A 369 -11.03 -9.83 -4.43
C HIS A 369 -9.65 -10.36 -4.78
N LYS A 370 -8.55 -9.65 -4.43
CA LYS A 370 -7.23 -10.11 -4.82
C LYS A 370 -6.13 -9.40 -4.07
N THR A 371 -5.04 -10.13 -3.75
CA THR A 371 -3.83 -9.60 -3.13
C THR A 371 -2.70 -9.80 -4.14
N THR A 372 -1.99 -8.74 -4.47
CA THR A 372 -0.90 -8.84 -5.41
C THR A 372 0.39 -8.54 -4.71
N SER A 373 1.29 -9.53 -4.66
CA SER A 373 2.62 -9.34 -4.15
C SER A 373 3.47 -8.85 -5.33
N LEU A 374 4.41 -7.97 -5.04
CA LEU A 374 5.25 -7.40 -6.07
C LEU A 374 6.59 -6.98 -5.54
N ILE A 375 7.51 -6.66 -6.46
CA ILE A 375 8.77 -6.04 -6.09
C ILE A 375 8.69 -4.60 -6.60
N LEU A 376 9.07 -3.67 -5.73
CA LEU A 376 9.10 -2.23 -5.99
C LEU A 376 10.57 -1.93 -6.18
N ASP A 377 10.90 -1.34 -7.33
CA ASP A 377 12.28 -1.08 -7.71
C ASP A 377 12.49 0.42 -7.84
N THR A 378 13.59 0.93 -7.26
CA THR A 378 13.99 2.34 -7.35
C THR A 378 15.40 2.33 -7.97
N PRO A 379 15.53 2.13 -9.29
CA PRO A 379 16.87 2.02 -9.89
C PRO A 379 17.71 3.28 -9.76
N GLN A 380 18.98 3.11 -9.46
CA GLN A 380 19.89 4.23 -9.32
C GLN A 380 20.62 4.57 -10.65
N ALA A 381 20.53 3.68 -11.65
CA ALA A 381 21.18 3.89 -12.94
C ALA A 381 20.31 4.74 -13.91
N ALA A 382 20.94 5.32 -14.92
CA ALA A 382 20.22 6.15 -15.90
C ALA A 382 20.04 5.38 -17.20
N ASP A 383 18.88 5.58 -17.85
CA ASP A 383 18.54 4.98 -19.14
C ASP A 383 18.71 3.45 -19.15
N LEU A 384 17.98 2.73 -18.29
CA LEU A 384 18.07 1.27 -18.25
C LEU A 384 17.21 0.66 -19.36
N ASP A 385 17.73 -0.38 -20.02
CA ASP A 385 17.03 -1.06 -21.09
C ASP A 385 16.53 -2.43 -20.62
N GLU A 386 17.40 -3.20 -19.93
CA GLU A 386 17.10 -4.57 -19.48
C GLU A 386 16.78 -4.67 -17.97
N PHE A 387 15.90 -5.60 -17.62
CA PHE A 387 15.48 -5.80 -16.24
C PHE A 387 15.56 -7.29 -15.87
N PRO A 388 16.78 -7.78 -15.60
CA PRO A 388 16.96 -9.23 -15.31
C PRO A 388 16.20 -9.80 -14.11
N MET A 389 15.68 -8.95 -13.21
CA MET A 389 14.91 -9.44 -12.07
C MET A 389 13.59 -10.16 -12.50
N LYS A 390 13.09 -9.87 -13.73
CA LYS A 390 11.88 -10.51 -14.33
C LYS A 390 12.03 -12.04 -14.55
N TYR A 391 13.26 -12.52 -14.74
CA TYR A 391 13.52 -13.95 -14.91
C TYR A 391 13.27 -14.72 -13.62
N SER A 392 13.48 -14.05 -12.48
CA SER A 392 13.34 -14.67 -11.19
C SER A 392 11.94 -14.61 -10.69
N LEU A 393 11.18 -13.57 -11.05
CA LEU A 393 9.84 -13.39 -10.51
C LEU A 393 8.95 -14.54 -10.77
N SER A 394 8.52 -15.15 -9.69
CA SER A 394 7.63 -16.29 -9.76
C SER A 394 6.28 -15.86 -10.37
N PRO A 395 5.58 -16.80 -11.05
CA PRO A 395 4.29 -16.47 -11.65
C PRO A 395 3.31 -15.70 -10.73
N GLY A 396 2.72 -14.61 -11.23
CA GLY A 396 1.80 -13.78 -10.46
C GLY A 396 2.46 -12.68 -9.63
N ILE A 397 3.81 -12.73 -9.50
CA ILE A 397 4.51 -11.69 -8.73
C ILE A 397 4.72 -10.46 -9.61
N GLY A 398 4.24 -9.31 -9.16
CA GLY A 398 4.32 -8.07 -9.90
C GLY A 398 5.65 -7.37 -9.84
N TYR A 399 5.78 -6.28 -10.61
CA TYR A 399 6.99 -5.48 -10.71
C TYR A 399 6.54 -4.05 -10.95
N MET A 400 6.94 -3.12 -10.08
CA MET A 400 6.64 -1.70 -10.23
C MET A 400 7.93 -0.90 -10.05
N ILE A 401 8.07 0.19 -10.80
CA ILE A 401 9.19 1.10 -10.66
C ILE A 401 8.71 2.35 -9.92
N GLN A 402 9.60 2.93 -9.11
CA GLN A 402 9.36 4.16 -8.38
C GLN A 402 10.54 5.08 -8.64
N ASP A 403 10.29 6.29 -9.16
CA ASP A 403 11.36 7.25 -9.46
C ASP A 403 11.96 7.82 -8.18
N THR A 404 13.20 8.27 -8.30
CA THR A 404 13.97 8.93 -7.24
C THR A 404 14.73 10.14 -7.89
N GLU A 405 15.56 10.88 -7.14
CA GLU A 405 16.29 12.02 -7.68
C GLU A 405 17.82 11.86 -7.59
N ASP A 406 18.34 11.38 -6.42
CA ASP A 406 19.78 11.23 -6.15
C ASP A 406 20.29 9.81 -6.41
N HIS A 407 21.26 9.71 -7.33
CA HIS A 407 21.79 8.42 -7.75
C HIS A 407 23.26 8.14 -7.47
N LYS A 408 23.90 8.87 -6.54
CA LYS A 408 25.31 8.66 -6.24
C LYS A 408 25.58 7.38 -5.42
N VAL A 409 26.86 6.98 -5.29
CA VAL A 409 27.24 5.83 -4.46
C VAL A 409 26.90 6.18 -2.99
N ALA A 410 26.32 5.22 -2.25
CA ALA A 410 25.87 5.36 -0.85
C ALA A 410 24.68 6.33 -0.72
N SER A 411 23.85 6.43 -1.77
CA SER A 411 22.69 7.30 -1.74
C SER A 411 21.58 6.68 -0.88
N MET A 412 21.03 7.49 0.01
CA MET A 412 19.92 7.10 0.84
C MET A 412 18.55 7.37 0.14
N ASP A 413 18.57 7.69 -1.16
CA ASP A 413 17.36 7.95 -1.93
C ASP A 413 17.02 6.67 -2.68
N SER A 414 16.72 5.60 -1.94
CA SER A 414 16.35 4.33 -2.56
C SER A 414 15.50 3.51 -1.61
N ILE A 415 14.66 2.62 -2.15
CA ILE A 415 13.76 1.81 -1.35
C ILE A 415 14.50 0.83 -0.40
N GLY A 416 15.79 0.60 -0.61
CA GLY A 416 16.60 -0.19 0.32
C GLY A 416 16.83 0.55 1.64
N ASN A 417 16.60 1.92 1.66
CA ASN A 417 16.73 2.79 2.84
C ASN A 417 15.38 2.80 3.59
N LEU A 418 14.90 1.61 3.90
CA LEU A 418 13.62 1.45 4.56
C LEU A 418 13.60 0.14 5.32
N MET A 419 13.06 0.17 6.51
CA MET A 419 12.86 -1.03 7.30
C MET A 419 11.44 -0.98 7.83
N VAL A 420 10.75 -2.10 7.92
CA VAL A 420 9.37 -2.11 8.39
C VAL A 420 9.32 -2.65 9.77
N SER A 421 8.59 -1.98 10.67
CA SER A 421 8.44 -2.51 12.01
C SER A 421 7.35 -3.61 11.99
N PRO A 422 7.30 -4.49 13.01
CA PRO A 422 6.13 -5.37 13.15
C PRO A 422 4.91 -4.52 13.60
N PRO A 423 3.69 -5.12 13.56
CA PRO A 423 2.52 -4.42 14.07
C PRO A 423 2.70 -4.07 15.53
N VAL A 424 2.33 -2.83 15.86
CA VAL A 424 2.46 -2.28 17.21
C VAL A 424 1.25 -1.42 17.55
N LYS A 425 0.99 -1.25 18.84
CA LYS A 425 0.02 -0.30 19.41
C LYS A 425 0.86 0.74 20.17
N VAL A 426 0.59 2.04 19.94
CA VAL A 426 1.40 3.10 20.55
C VAL A 426 0.46 4.18 21.13
N GLN A 427 0.45 4.39 22.45
CA GLN A 427 -0.38 5.46 23.04
C GLN A 427 -1.87 5.29 22.69
N GLY A 428 -2.32 4.04 22.68
CA GLY A 428 -3.70 3.74 22.31
C GLY A 428 -4.00 3.80 20.82
N LYS A 429 -3.00 3.96 19.92
CA LYS A 429 -3.23 3.97 18.48
C LYS A 429 -2.63 2.72 17.83
N GLU A 430 -3.44 2.01 17.06
CA GLU A 430 -3.01 0.80 16.40
C GLU A 430 -2.32 1.06 15.06
N TYR A 431 -1.23 0.33 14.84
CA TYR A 431 -0.54 0.30 13.57
C TYR A 431 -0.50 -1.20 13.20
N PRO A 432 -1.65 -1.73 12.76
CA PRO A 432 -1.74 -3.16 12.45
C PRO A 432 -0.84 -3.65 11.33
N LEU A 433 -0.32 -2.75 10.48
CA LEU A 433 0.61 -3.18 9.43
C LEU A 433 2.05 -2.71 9.76
N GLY A 434 2.30 -2.32 11.02
CA GLY A 434 3.58 -1.78 11.45
C GLY A 434 3.76 -0.38 10.91
N ARG A 435 4.95 0.16 11.04
CA ARG A 435 5.28 1.47 10.54
C ARG A 435 6.57 1.38 9.76
N VAL A 436 6.62 2.10 8.65
CA VAL A 436 7.80 2.16 7.80
C VAL A 436 8.84 3.04 8.51
N LEU A 437 10.10 2.64 8.52
CA LEU A 437 11.21 3.35 9.16
C LEU A 437 12.19 3.82 8.09
N ILE A 438 12.43 5.11 8.02
CA ILE A 438 13.27 5.69 6.97
C ILE A 438 14.56 6.22 7.59
N GLY A 439 15.70 5.91 6.99
CA GLY A 439 16.97 6.45 7.45
C GLY A 439 17.11 7.90 7.04
N SER A 440 17.46 8.77 7.97
CA SER A 440 17.59 10.18 7.71
C SER A 440 18.81 10.82 8.44
N SER A 441 18.91 12.14 8.46
CA SER A 441 20.02 12.86 9.05
C SER A 441 19.58 13.60 10.32
N PHE A 442 20.54 13.89 11.21
CA PHE A 442 20.25 14.64 12.43
C PHE A 442 21.07 15.92 12.51
N TYR A 443 22.22 16.02 11.77
CA TYR A 443 23.02 17.23 11.78
C TYR A 443 22.27 18.26 10.99
N PRO A 444 21.87 19.36 11.60
CA PRO A 444 21.11 20.39 10.86
C PRO A 444 21.89 21.05 9.73
N GLY A 448 23.65 16.59 5.08
CA GLY A 448 24.14 15.28 4.65
C GLY A 448 23.24 14.62 3.63
N ARG A 449 23.36 13.30 3.46
CA ARG A 449 22.53 12.56 2.51
C ARG A 449 21.14 12.39 3.05
N ALA A 450 20.14 12.20 2.14
CA ALA A 450 18.77 11.97 2.58
C ALA A 450 17.92 11.38 1.46
N MET A 451 16.76 10.82 1.81
CA MET A 451 15.79 10.35 0.84
C MET A 451 15.23 11.63 0.13
N SER A 452 14.97 11.53 -1.18
CA SER A 452 14.45 12.67 -1.92
C SER A 452 13.03 12.93 -1.50
N LYS A 453 12.57 14.16 -1.75
CA LYS A 453 11.19 14.58 -1.55
C LYS A 453 10.24 13.66 -2.33
N THR A 454 10.63 13.24 -3.55
CA THR A 454 9.81 12.32 -4.36
C THR A 454 9.54 10.96 -3.67
N LEU A 455 10.62 10.26 -3.23
CA LEU A 455 10.45 8.95 -2.61
C LEU A 455 9.80 9.09 -1.23
N ARG A 456 10.18 10.11 -0.44
CA ARG A 456 9.60 10.32 0.89
CA ARG A 456 9.60 10.32 0.89
C ARG A 456 8.11 10.59 0.79
N ASP A 457 7.71 11.41 -0.19
CA ASP A 457 6.30 11.76 -0.41
C ASP A 457 5.52 10.53 -0.85
N PHE A 458 6.10 9.69 -1.71
CA PHE A 458 5.48 8.43 -2.11
C PHE A 458 5.18 7.57 -0.86
N LEU A 459 6.13 7.50 0.07
CA LEU A 459 5.96 6.70 1.26
C LEU A 459 4.84 7.23 2.17
N TYR A 460 4.86 8.54 2.49
CA TYR A 460 3.84 9.13 3.33
C TYR A 460 2.48 9.09 2.66
N ALA A 461 2.42 9.09 1.31
CA ALA A 461 1.14 9.03 0.61
C ALA A 461 0.42 7.69 0.76
N GLN A 462 1.13 6.62 1.19
CA GLN A 462 0.48 5.31 1.36
C GLN A 462 -0.47 5.30 2.59
N GLN A 463 -0.19 6.12 3.59
CA GLN A 463 -0.99 6.32 4.81
C GLN A 463 -0.99 5.19 5.86
N VAL A 464 -1.05 3.93 5.47
CA VAL A 464 -1.32 2.83 6.39
C VAL A 464 -0.11 2.33 7.21
N GLN A 465 1.09 2.88 6.96
CA GLN A 465 2.25 2.47 7.75
C GLN A 465 2.98 3.72 8.19
N ALA A 466 2.22 4.73 8.69
CA ALA A 466 2.70 6.03 9.20
C ALA A 466 4.22 6.12 9.43
N PRO A 467 5.00 6.55 8.41
CA PRO A 467 6.46 6.53 8.54
C PRO A 467 7.10 7.26 9.72
N VAL A 468 8.18 6.65 10.26
CA VAL A 468 9.01 7.19 11.34
C VAL A 468 10.37 7.49 10.75
N GLU A 469 10.94 8.66 11.07
CA GLU A 469 12.26 9.02 10.58
C GLU A 469 13.34 8.68 11.62
N LEU A 470 14.28 7.85 11.23
CA LEU A 470 15.38 7.42 12.08
C LEU A 470 16.64 8.18 11.63
N TYR A 471 17.72 8.06 12.39
CA TYR A 471 18.96 8.72 12.09
C TYR A 471 19.96 7.68 11.66
N SER A 472 20.30 7.67 10.36
CA SER A 472 21.26 6.67 9.86
C SER A 472 22.35 7.25 8.99
N ASP A 473 22.39 8.59 8.74
CA ASP A 473 23.42 9.09 7.84
C ASP A 473 24.82 9.13 8.48
N TRP A 474 24.95 8.77 9.78
CA TRP A 474 26.24 8.58 10.41
C TRP A 474 26.90 7.24 9.90
N LEU A 475 26.07 6.29 9.39
CA LEU A 475 26.51 5.01 8.80
C LEU A 475 26.90 5.21 7.33
N MET A 476 27.99 4.60 6.88
CA MET A 476 28.45 4.71 5.49
C MET A 476 27.35 4.33 4.48
N THR A 477 26.64 3.22 4.70
CA THR A 477 25.54 2.82 3.81
C THR A 477 24.26 3.65 4.02
N GLY A 478 24.13 4.28 5.18
CA GLY A 478 22.92 5.00 5.56
C GLY A 478 21.78 4.06 5.90
N HIS A 479 22.06 2.74 6.07
CA HIS A 479 20.96 1.77 6.31
C HIS A 479 20.81 1.41 7.79
N VAL A 480 19.60 1.53 8.33
CA VAL A 480 19.35 1.23 9.75
C VAL A 480 19.57 -0.24 10.10
N ASP A 481 19.54 -1.15 9.08
CA ASP A 481 19.79 -2.58 9.28
C ASP A 481 21.19 -2.89 9.80
N GLU A 482 22.10 -1.92 9.76
CA GLU A 482 23.41 -2.08 10.34
C GLU A 482 23.42 -1.95 11.87
N PHE A 483 22.35 -1.38 12.49
CA PHE A 483 22.32 -1.29 13.96
C PHE A 483 21.06 -1.90 14.59
N MET A 484 20.08 -2.34 13.79
CA MET A 484 18.85 -2.88 14.36
C MET A 484 18.25 -3.99 13.51
N CYS A 485 17.49 -4.89 14.15
CA CYS A 485 16.85 -6.04 13.52
C CYS A 485 15.66 -6.49 14.39
N PHE A 486 14.51 -6.73 13.77
CA PHE A 486 13.37 -7.29 14.50
C PHE A 486 13.37 -8.82 14.23
N ILE A 487 13.05 -9.61 15.26
CA ILE A 487 12.94 -11.06 15.15
C ILE A 487 11.59 -11.49 15.72
N PRO A 488 10.91 -12.44 15.07
CA PRO A 488 9.56 -12.81 15.55
C PRO A 488 9.61 -13.73 16.74
N THR A 489 8.65 -13.61 17.64
CA THR A 489 8.55 -14.56 18.76
C THR A 489 7.20 -15.30 18.69
N ASP A 490 7.17 -16.52 19.18
CA ASP A 490 5.91 -17.30 19.16
C ASP A 490 4.95 -16.89 20.31
N LYS A 496 1.75 -10.48 24.69
CA LYS A 496 3.08 -10.29 24.12
C LYS A 496 2.96 -9.68 22.72
N LYS A 497 3.94 -8.87 22.35
CA LYS A 497 3.95 -8.14 21.11
C LYS A 497 4.25 -8.95 19.86
N GLY A 498 4.79 -10.16 20.01
CA GLY A 498 5.12 -11.00 18.87
C GLY A 498 6.50 -10.75 18.26
N PHE A 499 7.37 -10.02 18.97
CA PHE A 499 8.70 -9.72 18.44
C PHE A 499 9.66 -9.20 19.51
N LEU A 500 10.93 -9.15 19.15
CA LEU A 500 11.97 -8.52 19.91
C LEU A 500 12.76 -7.61 18.97
N LEU A 501 13.30 -6.49 19.52
CA LEU A 501 14.13 -5.61 18.75
C LEU A 501 15.56 -5.88 19.21
N LEU A 502 16.43 -6.17 18.27
CA LEU A 502 17.85 -6.33 18.57
C LEU A 502 18.52 -5.02 18.15
N LEU A 503 19.46 -4.55 18.97
CA LEU A 503 20.20 -3.32 18.70
C LEU A 503 21.69 -3.52 18.87
N ALA A 504 22.48 -2.98 17.94
CA ALA A 504 23.94 -3.00 18.02
C ALA A 504 24.41 -2.22 19.24
N SER A 505 25.36 -2.80 19.96
CA SER A 505 25.85 -2.18 21.18
C SER A 505 27.34 -2.32 21.36
N PRO A 506 28.11 -1.28 20.99
CA PRO A 506 29.56 -1.35 21.19
C PRO A 506 29.94 -1.51 22.67
N SER A 507 29.17 -0.86 23.59
CA SER A 507 29.44 -0.95 25.04
C SER A 507 29.37 -2.40 25.52
N ALA A 508 28.37 -3.16 25.01
CA ALA A 508 28.18 -4.57 25.32
C ALA A 508 29.37 -5.39 24.85
N CYS A 509 29.98 -5.02 23.70
CA CYS A 509 31.14 -5.73 23.18
C CYS A 509 32.39 -5.44 24.01
N TYR A 510 32.56 -4.18 24.43
CA TYR A 510 33.71 -3.80 25.27
C TYR A 510 33.58 -4.53 26.61
N LYS A 511 32.36 -4.60 27.16
CA LYS A 511 32.09 -5.33 28.39
C LYS A 511 32.43 -6.80 28.24
N LEU A 512 32.06 -7.43 27.13
CA LEU A 512 32.34 -8.85 26.91
C LEU A 512 33.84 -9.09 26.83
N PHE A 513 34.55 -8.27 26.04
CA PHE A 513 35.99 -8.42 25.88
C PHE A 513 36.73 -8.18 27.22
N ARG A 514 36.27 -7.19 28.04
CA ARG A 514 36.88 -6.88 29.35
CA ARG A 514 36.90 -6.90 29.34
C ARG A 514 36.75 -8.10 30.28
N GLU A 515 35.55 -8.72 30.33
CA GLU A 515 35.37 -9.92 31.16
C GLU A 515 36.32 -11.06 30.72
N LYS A 516 36.47 -11.26 29.40
CA LYS A 516 37.40 -12.28 28.89
C LYS A 516 38.86 -11.97 29.27
N GLN A 517 39.25 -10.69 29.19
CA GLN A 517 40.61 -10.25 29.56
C GLN A 517 40.91 -10.56 31.05
N LYS A 518 39.94 -10.25 31.93
CA LYS A 518 40.02 -10.49 33.37
C LYS A 518 40.11 -12.00 33.66
N GLU A 519 39.49 -12.84 32.82
CA GLU A 519 39.57 -14.30 32.95
C GLU A 519 40.90 -14.90 32.43
N GLY A 520 41.81 -14.07 31.92
CA GLY A 520 43.09 -14.54 31.44
C GLY A 520 43.15 -14.79 29.96
N TYR A 521 42.14 -14.30 29.20
CA TYR A 521 42.09 -14.53 27.76
C TYR A 521 42.38 -13.29 26.94
N GLY A 522 43.10 -12.31 27.49
CA GLY A 522 43.50 -11.10 26.78
C GLY A 522 44.31 -11.37 25.51
N ASP A 523 44.90 -12.57 25.41
CA ASP A 523 45.68 -13.00 24.23
C ASP A 523 44.77 -13.52 23.11
N ALA A 524 43.44 -13.71 23.36
CA ALA A 524 42.50 -14.20 22.35
C ALA A 524 42.39 -13.15 21.24
N LEU A 525 42.27 -13.61 20.00
CA LEU A 525 42.43 -12.76 18.86
C LEU A 525 41.17 -12.48 18.06
N LEU A 526 40.85 -11.20 17.87
CA LEU A 526 39.77 -10.80 16.95
C LEU A 526 40.32 -11.07 15.53
N PHE A 527 39.48 -11.67 14.66
CA PHE A 527 39.80 -12.09 13.30
C PHE A 527 40.64 -13.34 13.25
N ASP A 528 40.60 -14.17 14.32
CA ASP A 528 41.26 -15.48 14.36
C ASP A 528 40.59 -16.36 13.28
N GLU A 529 41.38 -17.25 12.66
CA GLU A 529 40.95 -18.18 11.62
C GLU A 529 40.62 -17.50 10.29
N LEU A 530 41.07 -16.26 10.09
CA LEU A 530 40.94 -15.59 8.82
C LEU A 530 42.34 -15.42 8.24
N ARG A 531 42.47 -15.62 6.94
N ARG A 531 42.47 -15.62 6.94
CA ARG A 531 43.74 -15.49 6.23
CA ARG A 531 43.76 -15.46 6.25
C ARG A 531 44.23 -14.05 6.28
C ARG A 531 44.23 -14.03 6.32
N ALA A 532 45.55 -13.83 6.44
CA ALA A 532 46.18 -12.52 6.48
C ALA A 532 45.82 -11.62 5.29
N ASP A 533 45.79 -12.18 4.05
CA ASP A 533 45.42 -11.40 2.87
C ASP A 533 43.95 -11.03 2.86
N GLN A 534 43.08 -11.88 3.41
CA GLN A 534 41.65 -11.61 3.56
C GLN A 534 41.49 -10.40 4.48
N LEU A 535 42.29 -10.32 5.56
CA LEU A 535 42.23 -9.17 6.44
C LEU A 535 42.75 -7.91 5.74
N LEU A 536 44.00 -7.94 5.21
CA LEU A 536 44.64 -6.81 4.51
C LEU A 536 43.82 -6.25 3.38
N SER A 537 43.31 -7.12 2.51
CA SER A 537 42.52 -6.68 1.35
C SER A 537 41.17 -6.04 1.73
N ASN A 538 40.70 -6.24 2.98
CA ASN A 538 39.47 -5.68 3.53
C ASN A 538 39.68 -4.56 4.57
N GLY A 539 40.92 -4.05 4.67
CA GLY A 539 41.21 -2.97 5.60
C GLY A 539 41.14 -3.34 7.07
N ARG A 540 41.42 -4.62 7.40
CA ARG A 540 41.39 -5.05 8.81
C ARG A 540 42.70 -5.72 9.20
N GLU A 541 42.89 -5.87 10.50
CA GLU A 541 44.08 -6.51 11.01
C GLU A 541 43.69 -7.30 12.24
N ALA A 542 44.20 -8.51 12.37
CA ALA A 542 43.96 -9.32 13.57
C ALA A 542 44.53 -8.57 14.80
N LYS A 543 43.76 -8.51 15.88
CA LYS A 543 44.18 -7.81 17.08
C LYS A 543 43.79 -8.62 18.28
N THR A 544 44.65 -8.72 19.33
CA THR A 544 44.25 -9.42 20.55
C THR A 544 43.20 -8.58 21.34
N ILE A 545 42.52 -9.19 22.35
CA ILE A 545 41.59 -8.45 23.21
C ILE A 545 42.36 -7.34 23.97
N ASP A 546 43.64 -7.59 24.34
CA ASP A 546 44.48 -6.60 25.04
C ASP A 546 44.76 -5.40 24.18
N GLN A 547 45.11 -5.64 22.91
CA GLN A 547 45.38 -4.54 21.97
C GLN A 547 44.09 -3.77 21.68
N LEU A 548 42.97 -4.50 21.51
N LEU A 548 42.97 -4.50 21.52
CA LEU A 548 41.67 -3.84 21.27
CA LEU A 548 41.68 -3.86 21.25
C LEU A 548 41.24 -2.96 22.43
C LEU A 548 41.21 -2.98 22.43
N LEU A 549 41.37 -3.46 23.67
CA LEU A 549 40.97 -2.65 24.84
C LEU A 549 41.92 -1.47 25.11
N ALA A 550 43.15 -1.50 24.59
CA ALA A 550 44.07 -0.36 24.77
C ALA A 550 43.98 0.65 23.59
N ASP A 551 43.16 0.36 22.55
CA ASP A 551 43.06 1.22 21.39
C ASP A 551 42.12 2.36 21.70
N GLU A 552 42.67 3.54 22.08
CA GLU A 552 41.86 4.69 22.44
C GLU A 552 41.11 5.30 21.26
N SER A 553 41.69 5.28 20.07
CA SER A 553 41.02 5.80 18.88
C SER A 553 39.77 4.93 18.54
N LEU A 554 39.90 3.60 18.62
CA LEU A 554 38.79 2.70 18.35
C LEU A 554 37.68 2.92 19.36
N LYS A 555 38.05 3.10 20.64
CA LYS A 555 37.10 3.37 21.70
C LYS A 555 36.34 4.65 21.45
N LYS A 556 37.03 5.72 21.02
CA LYS A 556 36.35 6.99 20.70
C LYS A 556 35.43 6.86 19.49
N GLN A 557 35.82 6.06 18.52
CA GLN A 557 34.98 5.83 17.32
C GLN A 557 33.69 5.10 17.75
N ASN A 558 33.83 4.14 18.68
CA ASN A 558 32.68 3.37 19.16
C ASN A 558 31.78 4.19 20.10
N GLU A 559 32.36 5.09 20.89
CA GLU A 559 31.59 5.99 21.76
C GLU A 559 30.72 6.91 20.92
N TYR A 560 31.27 7.40 19.80
CA TYR A 560 30.51 8.18 18.84
C TYR A 560 29.32 7.35 18.29
N VAL A 561 29.61 6.11 17.80
CA VAL A 561 28.58 5.26 17.26
C VAL A 561 27.48 4.97 18.33
N GLU A 562 27.89 4.72 19.57
CA GLU A 562 26.97 4.43 20.66
C GLU A 562 26.01 5.61 20.87
N LYS A 563 26.53 6.86 20.79
CA LYS A 563 25.63 8.03 20.94
C LYS A 563 24.60 8.09 19.79
N CYS A 564 25.02 7.77 18.56
CA CYS A 564 24.12 7.75 17.40
C CYS A 564 23.03 6.67 17.57
N ILE A 565 23.39 5.49 18.08
CA ILE A 565 22.41 4.40 18.26
C ILE A 565 21.41 4.76 19.35
N HIS A 566 21.90 5.37 20.45
CA HIS A 566 21.03 5.84 21.54
C HIS A 566 19.99 6.84 21.11
N LEU A 567 20.32 7.70 20.11
CA LEU A 567 19.33 8.66 19.58
C LEU A 567 18.17 7.87 18.94
N ASN A 568 18.52 6.82 18.17
CA ASN A 568 17.57 5.96 17.50
C ASN A 568 16.79 5.12 18.49
N ARG A 569 17.43 4.58 19.56
CA ARG A 569 16.75 3.80 20.61
C ARG A 569 15.59 4.61 21.20
N ASP A 570 15.83 5.92 21.48
CA ASP A 570 14.76 6.81 21.98
C ASP A 570 13.63 6.99 21.01
N ILE A 571 13.94 7.23 19.73
CA ILE A 571 12.87 7.39 18.71
C ILE A 571 12.06 6.09 18.55
N LEU A 572 12.75 4.93 18.52
CA LEU A 572 12.09 3.65 18.38
C LEU A 572 11.17 3.38 19.58
N LYS A 573 11.64 3.65 20.82
CA LYS A 573 10.82 3.42 22.00
C LYS A 573 9.58 4.30 21.97
N THR A 574 9.76 5.57 21.59
CA THR A 574 8.66 6.50 21.52
C THR A 574 7.63 6.19 20.39
N GLU A 575 8.12 6.02 19.16
CA GLU A 575 7.29 5.84 18.00
C GLU A 575 6.71 4.43 17.87
N LEU A 576 7.34 3.42 18.48
CA LEU A 576 6.82 2.04 18.38
C LEU A 576 6.21 1.50 19.69
N GLY A 577 6.19 2.34 20.75
CA GLY A 577 5.64 2.00 22.04
C GLY A 577 6.40 0.90 22.74
N LEU A 578 7.71 0.83 22.50
CA LEU A 578 8.54 -0.22 23.09
C LEU A 578 9.00 0.12 24.48
N VAL A 579 9.19 -0.92 25.30
CA VAL A 579 9.78 -0.83 26.62
C VAL A 579 11.10 -1.59 26.54
N GLU A 580 11.96 -1.45 27.54
CA GLU A 580 13.25 -2.09 27.50
C GLU A 580 13.16 -3.63 27.47
N GLN A 581 12.10 -4.22 28.04
CA GLN A 581 11.88 -5.68 27.96
C GLN A 581 11.74 -6.18 26.49
N ASP A 582 11.46 -5.27 25.55
CA ASP A 582 11.35 -5.66 24.12
C ASP A 582 12.69 -5.58 23.38
N ILE A 583 13.76 -5.14 24.02
CA ILE A 583 15.04 -4.87 23.35
C ILE A 583 16.15 -5.77 23.86
N ILE A 584 16.99 -6.27 22.97
CA ILE A 584 18.16 -7.06 23.36
C ILE A 584 19.37 -6.39 22.73
N GLU A 585 20.38 -6.09 23.54
CA GLU A 585 21.64 -5.50 23.08
C GLU A 585 22.52 -6.58 22.45
N ILE A 586 23.06 -6.30 21.28
CA ILE A 586 23.90 -7.26 20.58
C ILE A 586 25.32 -6.68 20.54
N PRO A 587 26.32 -7.34 21.13
CA PRO A 587 27.68 -6.80 21.11
C PRO A 587 28.16 -6.59 19.67
N GLN A 588 28.51 -5.35 19.32
CA GLN A 588 28.91 -5.06 17.94
C GLN A 588 29.82 -3.84 17.86
N LEU A 589 31.00 -4.01 17.28
CA LEU A 589 31.93 -2.90 17.13
C LEU A 589 31.83 -2.33 15.73
N PHE A 590 32.14 -1.06 15.66
CA PHE A 590 32.16 -0.28 14.44
C PHE A 590 33.51 0.46 14.32
N CYS A 591 33.75 1.05 13.18
CA CYS A 591 34.89 1.91 12.93
C CYS A 591 34.51 3.02 11.95
N LEU A 592 35.22 4.12 12.01
CA LEU A 592 34.93 5.26 11.12
C LEU A 592 35.86 5.25 9.91
N GLU A 593 35.30 5.35 8.69
CA GLU A 593 36.05 5.33 7.43
C GLU A 593 35.58 6.43 6.47
N LYS A 594 36.36 6.66 5.39
CA LYS A 594 35.97 7.68 4.40
C LYS A 594 35.80 7.11 3.00
N ARG A 606 33.60 14.63 6.62
CA ARG A 606 33.42 13.75 7.78
C ARG A 606 33.52 12.26 7.41
N SER A 607 33.75 11.41 8.40
CA SER A 607 33.84 9.98 8.18
C SER A 607 32.53 9.27 8.62
N PHE A 608 32.31 8.04 8.17
CA PHE A 608 31.08 7.32 8.43
C PHE A 608 31.33 5.94 9.01
N ALA A 609 30.39 5.47 9.86
CA ALA A 609 30.60 4.19 10.49
C ALA A 609 30.38 3.01 9.55
N ARG A 610 31.21 2.01 9.74
CA ARG A 610 31.17 0.72 9.06
C ARG A 610 31.32 -0.31 10.15
N PRO A 611 30.71 -1.49 9.98
CA PRO A 611 30.95 -2.57 10.96
C PRO A 611 32.44 -2.92 10.99
N TYR A 612 33.00 -3.11 12.16
CA TYR A 612 34.41 -3.42 12.32
C TYR A 612 34.62 -4.92 11.96
N PHE A 613 33.79 -5.77 12.57
CA PHE A 613 33.77 -7.19 12.24
C PHE A 613 32.40 -7.43 11.58
N PRO A 614 32.15 -8.55 10.85
CA PRO A 614 30.84 -8.71 10.19
C PRO A 614 29.67 -8.40 11.12
N ASP A 615 28.75 -7.58 10.64
CA ASP A 615 27.66 -7.07 11.44
C ASP A 615 26.60 -8.11 11.86
N LEU A 616 26.63 -8.51 13.15
CA LEU A 616 25.65 -9.49 13.71
C LEU A 616 24.21 -9.11 13.51
N LEU A 617 23.92 -7.81 13.36
CA LEU A 617 22.56 -7.27 13.18
C LEU A 617 21.99 -7.48 11.79
N ARG A 618 22.85 -7.74 10.79
N ARG A 618 22.85 -7.70 10.77
CA ARG A 618 22.49 -7.96 9.40
CA ARG A 618 22.36 -7.90 9.41
C ARG A 618 22.06 -9.40 9.19
C ARG A 618 22.01 -9.35 9.17
N MET A 619 21.02 -9.83 9.92
CA MET A 619 20.54 -11.18 9.91
C MET A 619 19.60 -11.49 8.79
N ILE A 620 19.56 -12.77 8.39
CA ILE A 620 18.57 -13.29 7.45
C ILE A 620 17.54 -13.92 8.42
N VAL A 621 16.39 -13.30 8.58
CA VAL A 621 15.42 -13.72 9.58
C VAL A 621 14.40 -14.63 8.92
N MET A 622 14.38 -15.91 9.31
N MET A 622 14.36 -15.91 9.31
CA MET A 622 13.50 -16.92 8.73
CA MET A 622 13.41 -16.85 8.72
C MET A 622 12.69 -17.59 9.84
C MET A 622 12.67 -17.57 9.82
N GLY A 623 11.72 -16.88 10.41
CA GLY A 623 10.96 -17.41 11.55
C GLY A 623 11.93 -17.49 12.72
N LYS A 624 12.02 -18.68 13.33
CA LYS A 624 12.97 -18.93 14.41
C LYS A 624 14.39 -19.23 13.90
N ASN A 625 14.59 -19.44 12.58
CA ASN A 625 15.93 -19.68 12.06
C ASN A 625 16.59 -18.37 11.71
N LEU A 626 17.73 -18.07 12.30
CA LEU A 626 18.44 -16.84 12.03
C LEU A 626 19.79 -17.10 11.32
N GLY A 627 19.97 -16.52 10.13
CA GLY A 627 21.24 -16.55 9.40
C GLY A 627 22.04 -15.33 9.83
N ILE A 628 22.95 -15.54 10.76
CA ILE A 628 23.70 -14.44 11.37
C ILE A 628 25.07 -14.38 10.76
N PRO A 629 25.54 -13.19 10.38
CA PRO A 629 26.91 -13.07 9.84
C PRO A 629 27.94 -13.62 10.83
N LYS A 630 28.86 -14.45 10.35
CA LYS A 630 29.90 -15.02 11.25
C LYS A 630 30.90 -13.93 11.57
N PRO A 631 31.05 -13.54 12.85
CA PRO A 631 31.88 -12.35 13.16
C PRO A 631 33.37 -12.56 13.27
N PHE A 632 33.83 -13.82 13.41
CA PHE A 632 35.27 -14.10 13.61
C PHE A 632 35.84 -13.37 14.81
N GLY A 633 35.18 -13.53 15.96
CA GLY A 633 35.66 -12.89 17.18
C GLY A 633 36.80 -13.64 17.86
N PRO A 634 37.27 -13.10 19.01
CA PRO A 634 38.30 -13.81 19.78
C PRO A 634 37.79 -15.16 20.23
N GLN A 635 38.61 -16.21 20.06
CA GLN A 635 38.22 -17.55 20.42
C GLN A 635 38.70 -17.94 21.80
N ILE A 636 37.83 -18.54 22.60
CA ILE A 636 38.19 -18.98 23.95
C ILE A 636 37.99 -20.49 23.94
N LYS A 637 39.09 -21.23 23.79
CA LYS A 637 39.12 -22.68 23.70
C LYS A 637 38.24 -23.19 22.58
N GLY A 638 38.55 -22.75 21.35
CA GLY A 638 37.85 -23.20 20.16
C GLY A 638 36.49 -22.61 19.85
N THR A 639 36.01 -21.68 20.68
CA THR A 639 34.69 -21.07 20.43
C THR A 639 34.78 -19.55 20.36
N CYS A 640 34.20 -18.94 19.31
CA CYS A 640 34.14 -17.48 19.20
C CYS A 640 33.28 -16.95 20.37
N CYS A 641 33.84 -16.04 21.21
CA CYS A 641 33.04 -15.48 22.33
C CYS A 641 31.83 -14.69 21.83
N LEU A 642 31.85 -14.18 20.57
CA LEU A 642 30.69 -13.41 20.06
C LEU A 642 29.54 -14.34 19.68
N GLU A 643 29.87 -15.47 19.01
CA GLU A 643 28.91 -16.50 18.67
C GLU A 643 28.31 -17.05 19.99
N GLU A 644 29.18 -17.35 20.99
CA GLU A 644 28.71 -17.87 22.27
C GLU A 644 27.78 -16.87 22.94
N LYS A 645 28.18 -15.58 22.97
CA LYS A 645 27.35 -14.54 23.59
C LYS A 645 25.97 -14.46 22.93
N ILE A 646 25.91 -14.33 21.60
CA ILE A 646 24.62 -14.20 20.91
C ILE A 646 23.78 -15.45 21.03
N CYS A 647 24.41 -16.65 21.07
CA CYS A 647 23.65 -17.89 21.25
C CYS A 647 23.07 -17.93 22.69
N CYS A 648 23.83 -17.49 23.68
CA CYS A 648 23.31 -17.40 25.06
C CYS A 648 22.12 -16.45 25.17
N LEU A 649 22.10 -15.37 24.37
CA LEU A 649 21.00 -14.42 24.40
C LEU A 649 19.79 -14.89 23.62
N LEU A 650 19.99 -15.53 22.47
CA LEU A 650 18.85 -15.86 21.58
C LEU A 650 18.36 -17.33 21.64
N GLU A 651 19.26 -18.30 21.83
CA GLU A 651 18.85 -19.71 21.91
C GLU A 651 17.79 -19.98 23.00
N PRO A 652 17.88 -19.42 24.23
CA PRO A 652 16.82 -19.68 25.23
C PRO A 652 15.45 -19.14 24.84
N LEU A 653 15.40 -18.24 23.85
CA LEU A 653 14.11 -17.72 23.35
C LEU A 653 13.56 -18.53 22.15
N GLY A 654 14.18 -19.67 21.83
CA GLY A 654 13.70 -20.54 20.74
C GLY A 654 14.34 -20.35 19.39
N PHE A 655 15.39 -19.48 19.28
CA PHE A 655 16.07 -19.21 18.01
C PHE A 655 17.18 -20.18 17.69
N LYS A 656 17.27 -20.53 16.43
CA LYS A 656 18.30 -21.41 15.92
C LYS A 656 19.26 -20.53 15.15
N CYS A 657 20.46 -20.38 15.66
CA CYS A 657 21.47 -19.52 15.08
C CYS A 657 22.43 -20.25 14.14
N THR A 658 22.45 -19.83 12.86
CA THR A 658 23.38 -20.38 11.87
C THR A 658 24.32 -19.25 11.53
N PHE A 659 25.62 -19.41 11.78
CA PHE A 659 26.60 -18.37 11.44
C PHE A 659 27.08 -18.52 9.98
N ILE A 660 26.82 -17.50 9.16
CA ILE A 660 27.19 -17.51 7.76
C ILE A 660 28.65 -17.16 7.56
N ASN A 661 29.49 -18.16 7.23
CA ASN A 661 30.93 -17.95 7.08
C ASN A 661 31.23 -17.28 5.77
N ASP A 662 31.35 -15.93 5.76
CA ASP A 662 31.70 -15.26 4.52
C ASP A 662 32.18 -13.85 4.79
N PHE A 663 33.40 -13.74 5.31
CA PHE A 663 34.02 -12.48 5.68
C PHE A 663 34.04 -11.44 4.56
N ASP A 664 34.47 -11.84 3.35
CA ASP A 664 34.56 -10.93 2.19
C ASP A 664 33.19 -10.36 1.79
N CYS A 665 32.16 -11.19 1.83
CA CYS A 665 30.78 -10.74 1.53
C CYS A 665 30.36 -9.66 2.56
N TYR A 666 30.53 -9.93 3.88
CA TYR A 666 30.08 -8.97 4.88
C TYR A 666 30.90 -7.72 5.00
N LEU A 667 32.14 -7.73 4.48
CA LEU A 667 32.99 -6.54 4.51
C LEU A 667 33.01 -5.76 3.21
N THR A 668 32.21 -6.17 2.21
CA THR A 668 32.12 -5.52 0.90
C THR A 668 31.80 -4.04 1.06
N GLU A 669 32.55 -3.20 0.37
CA GLU A 669 32.38 -1.77 0.42
C GLU A 669 31.15 -1.38 -0.35
N VAL A 670 30.58 -0.21 -0.01
CA VAL A 670 29.38 0.27 -0.68
C VAL A 670 29.69 0.49 -2.18
N GLY A 671 28.79 -0.01 -3.04
CA GLY A 671 28.97 0.06 -4.48
C GLY A 671 29.61 -1.17 -5.07
N ASP A 672 30.40 -1.90 -4.27
CA ASP A 672 31.07 -3.10 -4.74
C ASP A 672 30.13 -4.28 -4.86
N ILE A 673 30.47 -5.20 -5.76
CA ILE A 673 29.62 -6.34 -5.98
C ILE A 673 29.80 -7.40 -4.90
N CYS A 674 28.69 -8.02 -4.53
CA CYS A 674 28.68 -9.10 -3.56
C CYS A 674 27.40 -9.89 -3.70
N ALA A 675 27.40 -11.15 -3.27
CA ALA A 675 26.18 -11.94 -3.22
C ALA A 675 25.25 -11.34 -2.14
N CYS A 676 23.97 -11.31 -2.43
CA CYS A 676 22.98 -10.78 -1.50
C CYS A 676 21.61 -11.42 -1.74
N ALA A 677 20.67 -11.18 -0.83
CA ALA A 677 19.35 -11.77 -0.88
C ALA A 677 18.24 -10.76 -0.57
N ASN A 678 17.01 -11.08 -0.95
CA ASN A 678 15.86 -10.28 -0.65
C ASN A 678 14.76 -11.29 -0.47
N ILE A 679 14.15 -11.29 0.71
CA ILE A 679 13.15 -12.30 1.04
C ILE A 679 11.71 -11.82 0.83
N ARG A 680 10.94 -12.59 0.07
CA ARG A 680 9.51 -12.34 -0.18
C ARG A 680 8.68 -13.08 0.92
N ARG A 681 7.85 -12.38 1.64
CA ARG A 681 7.14 -12.90 2.81
C ARG A 681 5.63 -12.85 2.72
N VAL A 682 4.96 -13.49 3.68
CA VAL A 682 3.50 -13.53 3.71
C VAL A 682 2.97 -12.10 4.03
N PRO A 683 2.04 -11.58 3.19
CA PRO A 683 1.42 -10.28 3.50
C PRO A 683 0.65 -10.35 4.84
N PHE A 684 0.36 -9.21 5.51
CA PHE A 684 -0.39 -9.25 6.77
C PHE A 684 -1.80 -9.79 6.56
N ALA A 685 -2.34 -10.47 7.57
CA ALA A 685 -3.74 -10.91 7.48
C ALA A 685 -4.69 -9.74 7.67
N PHE A 686 -4.28 -8.72 8.44
CA PHE A 686 -5.12 -7.56 8.69
C PHE A 686 -5.37 -6.80 7.37
N LYS A 687 -6.66 -6.54 7.05
CA LYS A 687 -7.03 -5.81 5.84
C LYS A 687 -6.82 -4.30 6.00
N TRP A 688 -5.95 -3.69 5.18
CA TRP A 688 -5.57 -2.26 5.32
C TRP A 688 -6.71 -1.26 5.38
N TRP A 689 -7.81 -1.54 4.66
CA TRP A 689 -8.95 -0.63 4.61
C TRP A 689 -9.69 -0.54 5.94
N LYS A 690 -9.57 -1.54 6.80
CA LYS A 690 -10.22 -1.53 8.11
C LYS A 690 -9.43 -0.67 9.15
N MET A 691 -8.26 -0.14 8.78
CA MET A 691 -7.49 0.75 9.67
C MET A 691 -8.07 2.20 9.52
N VAL A 692 -7.93 3.04 10.56
CA VAL A 692 -8.35 4.44 10.45
C VAL A 692 -7.07 5.26 10.64
N PRO A 693 -6.32 5.55 9.55
CA PRO A 693 -5.04 6.26 9.68
C PRO A 693 -5.08 7.57 10.44
C1 PEG B . 22.56 -9.79 4.90
O1 PEG B . 21.35 -9.87 4.16
C2 PEG B . 23.74 -10.07 4.05
O2 PEG B . 23.81 -9.19 2.95
C3 PEG B . 24.93 -9.43 2.10
C4 PEG B . 25.44 -8.12 1.58
O4 PEG B . 26.58 -7.68 2.31
C1 PEG C . 28.67 6.85 24.43
O1 PEG C . 29.92 6.34 24.84
C2 PEG C . 27.58 6.40 25.35
O2 PEG C . 26.32 6.71 24.77
C3 PEG C . 25.86 7.99 25.16
C4 PEG C . 24.62 8.33 24.42
O4 PEG C . 24.48 9.73 24.28
C1 GOL D . 31.26 2.25 24.58
O1 GOL D . 31.07 2.64 23.23
C2 GOL D . 32.67 1.78 24.83
O2 GOL D . 33.59 2.58 24.08
C3 GOL D . 33.05 1.74 26.29
O3 GOL D . 34.46 1.67 26.45
C1 PEG E . -20.93 10.73 6.45
O1 PEG E . -19.60 10.24 6.63
C2 PEG E . -21.84 9.63 5.98
O2 PEG E . -22.93 10.18 5.29
C3 PEG E . -23.13 9.59 4.03
C4 PEG E . -24.40 10.10 3.42
O4 PEG E . -24.20 11.37 2.80
C1 PEG F . -2.21 -13.57 4.10
O1 PEG F . -1.67 -13.55 5.40
C2 PEG F . -1.41 -14.46 3.18
O2 PEG F . -2.07 -14.61 1.93
C3 PEG F . -2.07 -13.43 1.13
C4 PEG F . -1.90 -13.82 -0.30
O4 PEG F . -0.81 -13.14 -0.88
OH2 1PE G . -18.91 13.71 -1.75
C12 1PE G . -18.95 13.95 -0.36
C22 1PE G . -17.60 14.33 0.18
OH3 1PE G . -17.72 14.75 1.52
C13 1PE G . -17.05 14.41 3.79
C23 1PE G . -17.28 13.76 2.45
OH4 1PE G . -17.98 13.94 4.76
C14 1PE G . -20.17 14.18 5.74
C24 1PE G . -19.32 14.37 4.51
OH5 1PE G . -21.54 14.39 5.41
C15 1PE G . -22.81 15.79 3.98
C25 1PE G . -21.85 15.74 5.12
OH6 1PE G . -22.13 15.57 2.74
C16 1PE G . -23.44 14.65 0.94
C26 1PE G . -22.94 15.89 1.62
OH7 1PE G . -24.29 13.88 1.78
CL CL H . -7.00 10.65 0.92
#